data_8GLD
#
_entry.id   8GLD
#
_cell.length_a   95.311
_cell.length_b   95.311
_cell.length_c   103.034
_cell.angle_alpha   90.00
_cell.angle_beta   90.00
_cell.angle_gamma   120.00
#
_symmetry.space_group_name_H-M   'P 32'
#
loop_
_entity.id
_entity.type
_entity.pdbx_description
1 polymer 'SGNH hydrolase-type esterase domain-containing protein'
2 non-polymer 'ACETATE ION'
3 water water
#
_entity_poly.entity_id   1
_entity_poly.type   'polypeptide(L)'
_entity_poly.pdbx_seq_one_letter_code
;GSHMASQNLNTNDTIDSILNQNKNHSALTSYVSKKDLKNLEKKLEKNQNIGIRIYGDSHMAADFFPRVIRGYLIRSNSIG
FAYPLQPKYQQNLNLVYSYKNFEILNSRNPANAGHNFPLGGIIAKAKTKGAKINLDTTLDKKNFKIGFLFKAKQNTNAFS
IKDAKNQSYELRTTQINKWSYKELELDLPLQISALQKDAELGGYFITNKDNNVFLDTIAINGAKSDLWLSWNQTVVKKEL
GLLHNDLIILAYGSNDALFKGFEKQKFKNNLKKWISILKTYNKNAVIMLISPPTVVQKQGKNYKLAPDFFTIRKALYEVA
KEEKTLIFDMHQFMQDSGGKNKWIEQKLSLNDVHLTIKGYELMAKKLLEDLKNIIDY
;
_entity_poly.pdbx_strand_id   A,B,C
#
# COMPACT_ATOMS: atom_id res chain seq x y z
N ASP A 13 21.69 -0.06 50.89
CA ASP A 13 21.68 1.08 51.80
C ASP A 13 22.90 1.97 51.57
N THR A 14 23.61 1.72 50.48
CA THR A 14 24.69 2.63 50.08
C THR A 14 24.11 3.97 49.62
N ILE A 15 23.04 3.93 48.84
CA ILE A 15 22.33 5.15 48.45
C ILE A 15 21.71 5.81 49.68
N ASP A 16 21.16 5.00 50.59
CA ASP A 16 20.49 5.54 51.76
C ASP A 16 21.46 6.26 52.69
N SER A 17 22.67 5.72 52.84
CA SER A 17 23.63 6.32 53.75
C SER A 17 24.12 7.67 53.23
N ILE A 18 24.30 7.80 51.92
CA ILE A 18 24.80 9.05 51.36
C ILE A 18 23.73 10.13 51.42
N LEU A 19 22.47 9.76 51.17
CA LEU A 19 21.37 10.71 51.32
C LEU A 19 21.27 11.21 52.75
N ASN A 20 21.55 10.35 53.73
CA ASN A 20 21.46 10.75 55.13
C ASN A 20 22.61 11.68 55.53
N GLN A 21 23.77 11.53 54.89
CA GLN A 21 24.90 12.41 55.19
C GLN A 21 24.69 13.81 54.62
N ASN A 22 23.84 13.95 53.60
CA ASN A 22 23.61 15.22 52.91
C ASN A 22 22.15 15.66 53.04
N LYS A 23 21.46 15.21 54.10
CA LYS A 23 20.06 15.54 54.27
C LYS A 23 19.84 17.03 54.53
N ASN A 24 20.88 17.77 54.89
CA ASN A 24 20.74 19.18 55.27
C ASN A 24 21.07 20.14 54.14
N HIS A 25 21.60 19.66 53.02
CA HIS A 25 22.12 20.51 51.96
C HIS A 25 21.40 20.13 50.67
N SER A 26 20.39 20.92 50.32
CA SER A 26 19.56 20.63 49.16
C SER A 26 20.29 21.01 47.87
N ALA A 27 19.95 20.28 46.80
CA ALA A 27 20.41 20.60 45.46
C ALA A 27 19.31 21.20 44.60
N LEU A 28 18.17 21.54 45.20
CA LEU A 28 17.00 22.02 44.48
C LEU A 28 16.74 23.48 44.84
N THR A 29 16.64 24.33 43.82
CA THR A 29 16.36 25.74 43.99
C THR A 29 15.04 26.07 43.30
N SER A 30 14.23 26.91 43.95
CA SER A 30 12.89 27.23 43.47
C SER A 30 12.80 28.71 43.14
N TYR A 31 12.35 29.01 41.92
CA TYR A 31 11.92 30.35 41.54
C TYR A 31 10.44 30.36 41.18
N VAL A 32 9.72 29.31 41.55
CA VAL A 32 8.32 29.15 41.22
C VAL A 32 7.47 29.84 42.28
N SER A 33 6.37 30.46 41.84
CA SER A 33 5.44 31.07 42.76
C SER A 33 4.83 30.01 43.67
N LYS A 34 4.45 30.44 44.88
CA LYS A 34 3.73 29.56 45.79
C LYS A 34 2.42 29.06 45.20
N LYS A 35 1.89 29.77 44.20
CA LYS A 35 0.62 29.36 43.59
C LYS A 35 0.79 28.13 42.72
N ASP A 36 1.82 28.12 41.87
CA ASP A 36 2.04 26.97 40.99
C ASP A 36 2.47 25.74 41.79
N LEU A 37 3.36 25.92 42.76
CA LEU A 37 3.84 24.80 43.55
C LEU A 37 2.72 24.16 44.35
N LYS A 38 1.91 24.98 45.01
CA LYS A 38 0.77 24.46 45.77
C LYS A 38 -0.23 23.76 44.85
N ASN A 39 -0.54 24.38 43.71
CA ASN A 39 -1.48 23.79 42.77
C ASN A 39 -1.00 22.43 42.29
N LEU A 40 0.30 22.28 42.04
CA LEU A 40 0.85 20.97 41.69
C LEU A 40 0.74 20.02 42.88
N GLU A 41 0.95 20.52 44.10
CA GLU A 41 0.84 19.68 45.29
C GLU A 41 -0.59 19.17 45.48
N LYS A 42 -1.58 19.94 45.04
CA LYS A 42 -2.97 19.52 45.16
C LYS A 42 -3.29 18.37 44.21
N LYS A 43 -2.76 18.43 42.98
CA LYS A 43 -2.96 17.33 42.04
C LYS A 43 -2.31 16.05 42.55
N LEU A 44 -1.13 16.16 43.16
CA LEU A 44 -0.44 14.97 43.66
C LEU A 44 -1.25 14.29 44.75
N GLU A 45 -1.90 15.07 45.61
CA GLU A 45 -2.74 14.51 46.65
C GLU A 45 -4.07 14.00 46.08
N LYS A 46 -4.60 14.66 45.06
CA LYS A 46 -5.88 14.24 44.50
C LYS A 46 -5.77 12.91 43.76
N ASN A 47 -4.60 12.64 43.16
CA ASN A 47 -4.34 11.36 42.48
C ASN A 47 -5.37 11.06 41.41
N GLN A 48 -5.73 12.09 40.63
CA GLN A 48 -6.66 11.95 39.52
C GLN A 48 -5.93 12.07 38.19
N ASN A 49 -5.51 13.27 37.81
CA ASN A 49 -4.73 13.49 36.60
C ASN A 49 -3.42 14.14 36.98
N ILE A 50 -2.31 13.44 36.74
CA ILE A 50 -0.97 13.99 36.92
C ILE A 50 -0.12 13.53 35.74
N GLY A 51 0.19 14.45 34.84
CA GLY A 51 1.05 14.15 33.72
C GLY A 51 2.43 14.75 33.89
N ILE A 52 3.46 13.91 33.86
CA ILE A 52 4.84 14.33 34.05
C ILE A 52 5.66 13.88 32.85
N ARG A 53 6.58 14.74 32.40
CA ARG A 53 7.42 14.46 31.25
C ARG A 53 8.84 14.91 31.54
N ILE A 54 9.80 14.13 31.07
CA ILE A 54 11.22 14.42 31.25
C ILE A 54 11.86 14.50 29.87
N TYR A 55 12.21 15.70 29.43
CA TYR A 55 13.06 15.91 28.28
C TYR A 55 14.52 15.90 28.74
N GLY A 56 15.38 15.22 27.99
CA GLY A 56 16.77 15.16 28.39
C GLY A 56 17.64 14.39 27.43
N ASP A 57 18.79 13.96 27.95
CA ASP A 57 19.80 13.26 27.16
C ASP A 57 20.05 11.85 27.71
N SER A 58 21.32 11.42 27.70
CA SER A 58 21.66 10.07 28.13
C SER A 58 21.45 9.86 29.63
N HIS A 59 21.49 10.93 30.42
CA HIS A 59 21.22 10.79 31.85
C HIS A 59 19.76 10.45 32.15
N MET A 60 18.91 10.41 31.12
CA MET A 60 17.50 10.07 31.28
C MET A 60 17.00 9.03 30.29
N ALA A 61 17.68 8.81 29.16
CA ALA A 61 17.11 8.06 28.06
C ALA A 61 16.96 6.56 28.34
N ALA A 62 17.77 6.01 29.24
CA ALA A 62 17.65 4.60 29.59
C ALA A 62 16.69 4.36 30.74
N ASP A 63 15.92 5.38 31.13
CA ASP A 63 14.81 5.30 32.08
C ASP A 63 15.26 4.97 33.50
N PHE A 64 16.56 5.06 33.81
CA PHE A 64 17.01 4.79 35.18
C PHE A 64 16.53 5.88 36.13
N PHE A 65 16.88 7.12 35.83
CA PHE A 65 16.41 8.25 36.65
C PHE A 65 14.90 8.41 36.59
N PRO A 66 14.23 8.42 35.42
CA PRO A 66 12.78 8.61 35.43
C PRO A 66 12.00 7.51 36.13
N ARG A 67 12.53 6.27 36.16
CA ARG A 67 11.81 5.18 36.81
C ARG A 67 11.65 5.44 38.30
N VAL A 68 12.71 5.93 38.96
CA VAL A 68 12.63 6.23 40.39
C VAL A 68 11.61 7.34 40.64
N ILE A 69 11.64 8.39 39.81
CA ILE A 69 10.65 9.46 39.94
C ILE A 69 9.26 8.93 39.66
N ARG A 70 9.11 8.08 38.63
CA ARG A 70 7.81 7.54 38.28
C ARG A 70 7.23 6.69 39.39
N GLY A 71 8.07 5.99 40.15
CA GLY A 71 7.57 5.08 41.15
C GLY A 71 7.24 5.72 42.48
N TYR A 72 7.89 6.85 42.80
CA TYR A 72 7.76 7.44 44.13
C TYR A 72 7.04 8.78 44.14
N LEU A 73 7.15 9.58 43.07
CA LEU A 73 6.44 10.86 43.05
C LEU A 73 4.96 10.68 42.76
N ILE A 74 4.59 9.64 42.00
CA ILE A 74 3.21 9.41 41.61
C ILE A 74 2.92 7.92 41.72
N ARG A 75 1.62 7.58 41.70
CA ARG A 75 1.17 6.20 41.62
C ARG A 75 0.76 5.93 40.17
N SER A 76 1.75 5.58 39.36
CA SER A 76 1.58 5.52 37.91
C SER A 76 0.50 4.51 37.51
N ASN A 77 -0.40 4.94 36.63
CA ASN A 77 -1.41 4.07 36.05
C ASN A 77 -1.48 4.19 34.53
N SER A 78 -0.56 4.93 33.91
CA SER A 78 -0.60 5.19 32.48
C SER A 78 0.82 5.35 31.96
N ILE A 79 0.93 5.57 30.66
CA ILE A 79 2.24 5.63 29.99
C ILE A 79 2.48 7.02 29.42
N GLY A 80 1.65 7.42 28.46
CA GLY A 80 1.82 8.71 27.81
C GLY A 80 2.50 8.61 26.46
N PHE A 81 3.37 9.56 26.15
CA PHE A 81 4.08 9.53 24.88
C PHE A 81 5.20 8.51 24.92
N ALA A 82 5.48 7.93 23.76
CA ALA A 82 6.58 6.98 23.63
C ALA A 82 7.01 6.93 22.17
N TYR A 83 8.30 6.67 21.97
CA TYR A 83 8.86 6.63 20.63
C TYR A 83 8.21 5.49 19.82
N PRO A 84 8.18 5.60 18.49
CA PRO A 84 7.69 4.47 17.69
C PRO A 84 8.53 3.23 17.88
N LEU A 85 9.85 3.39 17.90
CA LEU A 85 10.78 2.36 18.36
C LEU A 85 11.82 3.04 19.23
N GLN A 86 12.30 2.32 20.23
CA GLN A 86 13.33 2.88 21.08
C GLN A 86 14.68 2.87 20.35
N PRO A 87 15.40 3.99 20.32
CA PRO A 87 16.78 3.95 19.84
C PRO A 87 17.61 2.98 20.67
N LYS A 88 18.66 2.46 20.07
CA LYS A 88 19.46 1.45 20.74
C LYS A 88 20.03 1.99 22.04
N TYR A 89 19.96 1.16 23.09
CA TYR A 89 20.42 1.45 24.44
C TYR A 89 19.55 2.51 25.14
N GLN A 90 18.35 2.77 24.61
CA GLN A 90 17.35 3.58 25.26
C GLN A 90 16.12 2.72 25.55
N GLN A 91 15.32 3.15 26.52
CA GLN A 91 14.17 2.34 26.90
C GLN A 91 13.18 3.18 27.70
N ASN A 92 11.92 2.76 27.63
CA ASN A 92 10.86 3.19 28.54
C ASN A 92 10.34 1.93 29.22
N LEU A 93 10.53 1.82 30.53
CA LEU A 93 10.24 0.59 31.24
C LEU A 93 8.76 0.27 31.34
N ASN A 94 7.88 1.13 30.82
CA ASN A 94 6.47 0.79 30.70
C ASN A 94 6.17 -0.02 29.45
N LEU A 95 7.13 -0.18 28.54
CA LEU A 95 6.85 -0.74 27.22
C LEU A 95 7.92 -1.73 26.82
N VAL A 96 7.55 -2.62 25.90
CA VAL A 96 8.44 -3.62 25.33
C VAL A 96 8.28 -3.60 23.82
N TYR A 97 9.40 -3.59 23.10
CA TYR A 97 9.40 -3.48 21.65
C TYR A 97 10.09 -4.67 21.01
N SER A 98 9.67 -4.98 19.78
CA SER A 98 10.37 -5.88 18.89
C SER A 98 9.91 -5.58 17.47
N TYR A 99 10.81 -5.73 16.51
CA TYR A 99 10.49 -5.29 15.15
C TYR A 99 11.40 -5.98 14.15
N LYS A 100 10.97 -5.94 12.89
CA LYS A 100 11.73 -6.44 11.75
C LYS A 100 11.57 -5.50 10.58
N ASN A 101 12.67 -5.21 9.90
CA ASN A 101 12.67 -4.44 8.65
C ASN A 101 12.17 -3.01 8.85
N PHE A 102 12.55 -2.40 9.98
CA PHE A 102 12.25 -1.01 10.25
C PHE A 102 13.55 -0.24 10.47
N GLU A 103 13.63 0.94 9.87
CA GLU A 103 14.78 1.82 10.03
C GLU A 103 14.44 2.91 11.03
N ILE A 104 15.37 3.18 11.94
CA ILE A 104 15.18 4.18 12.99
C ILE A 104 15.93 5.44 12.59
N LEU A 105 15.19 6.50 12.28
CA LEU A 105 15.79 7.80 11.99
C LEU A 105 15.84 8.61 13.27
N ASN A 106 17.00 9.25 13.50
CA ASN A 106 17.24 10.01 14.72
C ASN A 106 17.65 11.43 14.35
N SER A 107 16.94 12.41 14.90
CA SER A 107 17.23 13.80 14.59
C SER A 107 18.60 14.21 15.11
N ARG A 108 19.07 13.59 16.19
CA ARG A 108 20.40 13.89 16.69
C ARG A 108 21.48 13.45 15.72
N ASN A 109 21.20 12.45 14.90
CA ASN A 109 22.20 11.87 14.01
C ASN A 109 22.43 12.80 12.81
N PRO A 110 23.68 13.21 12.55
CA PRO A 110 23.93 13.98 11.32
C PRO A 110 23.64 13.20 10.05
N ALA A 111 23.79 11.87 10.08
CA ALA A 111 23.48 11.06 8.91
C ALA A 111 21.98 11.00 8.62
N ASN A 112 21.13 11.42 9.57
CA ASN A 112 19.69 11.48 9.37
C ASN A 112 19.18 12.91 9.27
N ALA A 113 20.08 13.87 9.01
CA ALA A 113 19.70 15.28 8.97
C ALA A 113 18.95 15.61 7.69
N GLY A 114 17.88 16.37 7.82
CA GLY A 114 17.07 16.79 6.69
C GLY A 114 15.71 16.14 6.58
N HIS A 115 15.34 15.28 7.52
CA HIS A 115 14.04 14.62 7.48
C HIS A 115 12.99 15.47 8.19
N ASN A 116 11.73 15.10 7.99
CA ASN A 116 10.60 15.78 8.63
C ASN A 116 10.35 15.09 9.97
N PHE A 117 10.91 15.67 11.04
CA PHE A 117 10.92 15.02 12.34
C PHE A 117 9.74 15.47 13.20
N PRO A 118 9.13 14.53 13.92
CA PRO A 118 8.08 14.91 14.89
C PRO A 118 8.66 15.24 16.25
N LEU A 119 7.80 15.31 17.27
CA LEU A 119 8.27 15.51 18.63
C LEU A 119 9.12 14.33 19.07
N GLY A 120 10.35 14.63 19.50
CA GLY A 120 11.30 13.62 19.89
C GLY A 120 12.35 13.31 18.84
N GLY A 121 12.03 13.52 17.56
CA GLY A 121 12.99 13.31 16.50
C GLY A 121 13.29 11.87 16.17
N ILE A 122 12.43 10.94 16.58
CA ILE A 122 12.61 9.52 16.30
C ILE A 122 11.55 9.08 15.31
N ILE A 123 11.97 8.40 14.24
CA ILE A 123 11.07 7.91 13.21
C ILE A 123 11.38 6.44 12.96
N ALA A 124 10.33 5.61 12.93
CA ALA A 124 10.43 4.23 12.50
C ALA A 124 9.96 4.17 11.05
N LYS A 125 10.90 3.96 10.13
CA LYS A 125 10.61 3.99 8.70
C LYS A 125 10.61 2.56 8.15
N ALA A 126 9.48 2.17 7.56
CA ALA A 126 9.33 0.81 7.04
C ALA A 126 10.27 0.61 5.86
N LYS A 127 11.26 -0.28 6.03
CA LYS A 127 12.16 -0.60 4.93
C LYS A 127 11.45 -1.34 3.81
N THR A 128 10.38 -2.07 4.13
CA THR A 128 9.69 -2.86 3.12
C THR A 128 8.22 -3.00 3.49
N LYS A 129 7.41 -3.37 2.50
CA LYS A 129 6.02 -3.71 2.75
C LYS A 129 5.96 -5.01 3.55
N GLY A 130 5.26 -4.97 4.68
CA GLY A 130 5.19 -6.10 5.58
C GLY A 130 6.09 -6.02 6.78
N ALA A 131 6.84 -4.93 6.94
CA ALA A 131 7.64 -4.74 8.14
C ALA A 131 6.74 -4.66 9.36
N LYS A 132 7.19 -5.25 10.46
CA LYS A 132 6.33 -5.43 11.63
C LYS A 132 6.98 -4.86 12.88
N ILE A 133 6.15 -4.30 13.75
CA ILE A 133 6.55 -3.84 15.08
C ILE A 133 5.59 -4.45 16.09
N ASN A 134 6.14 -5.12 17.10
CA ASN A 134 5.35 -5.69 18.19
C ASN A 134 5.47 -4.79 19.41
N LEU A 135 4.33 -4.43 20.00
CA LEU A 135 4.30 -3.51 21.13
C LEU A 135 3.50 -4.12 22.27
N ASP A 136 4.09 -4.11 23.46
CA ASP A 136 3.42 -4.56 24.67
C ASP A 136 3.86 -3.68 25.82
N THR A 137 3.12 -3.74 26.93
CA THR A 137 3.45 -2.99 28.13
C THR A 137 3.84 -3.95 29.24
N THR A 138 4.68 -3.45 30.16
CA THR A 138 5.01 -4.20 31.36
C THR A 138 3.92 -4.11 32.42
N LEU A 139 2.94 -3.24 32.24
CA LEU A 139 1.79 -3.20 33.12
C LEU A 139 0.88 -4.39 32.85
N ASP A 140 0.12 -4.78 33.87
CA ASP A 140 -0.86 -5.84 33.70
C ASP A 140 -2.13 -5.35 33.03
N LYS A 141 -2.41 -4.05 33.09
CA LYS A 141 -3.52 -3.47 32.35
C LYS A 141 -3.15 -3.35 30.89
N LYS A 142 -4.05 -3.80 30.00
CA LYS A 142 -3.76 -3.86 28.58
C LYS A 142 -4.70 -3.04 27.71
N ASN A 143 -5.83 -2.59 28.24
CA ASN A 143 -6.78 -1.79 27.46
C ASN A 143 -6.35 -0.32 27.51
N PHE A 144 -6.12 0.26 26.33
CA PHE A 144 -5.60 1.62 26.27
C PHE A 144 -6.17 2.36 25.08
N LYS A 145 -6.32 3.68 25.26
CA LYS A 145 -6.54 4.60 24.16
C LYS A 145 -5.18 4.98 23.58
N ILE A 146 -4.88 4.51 22.37
CA ILE A 146 -3.56 4.66 21.77
C ILE A 146 -3.68 5.54 20.54
N GLY A 147 -2.95 6.67 20.53
CA GLY A 147 -2.87 7.53 19.37
C GLY A 147 -1.58 7.26 18.62
N PHE A 148 -1.71 7.16 17.30
CA PHE A 148 -0.58 6.87 16.42
C PHE A 148 -0.27 8.08 15.56
N LEU A 149 1.00 8.47 15.52
CA LEU A 149 1.48 9.49 14.60
C LEU A 149 2.16 8.80 13.44
N PHE A 150 1.66 9.01 12.22
CA PHE A 150 2.15 8.29 11.06
C PHE A 150 2.22 9.24 9.88
N LYS A 151 2.84 8.74 8.80
CA LYS A 151 3.17 9.54 7.63
C LYS A 151 3.46 8.58 6.48
N ALA A 152 2.97 8.92 5.28
CA ALA A 152 3.04 8.00 4.16
C ALA A 152 3.32 8.73 2.85
N LYS A 153 3.88 8.01 1.89
CA LYS A 153 4.19 8.57 0.58
C LYS A 153 2.96 8.67 -0.32
N GLN A 154 1.95 7.83 -0.07
CA GLN A 154 0.71 7.85 -0.83
C GLN A 154 -0.47 7.83 0.12
N ASN A 155 -1.62 8.29 -0.38
CA ASN A 155 -2.81 8.44 0.44
C ASN A 155 -3.60 7.15 0.60
N THR A 156 -3.00 6.00 0.32
CA THR A 156 -3.64 4.72 0.59
C THR A 156 -3.36 4.31 2.03
N ASN A 157 -3.71 3.08 2.40
CA ASN A 157 -3.45 2.59 3.73
C ASN A 157 -1.95 2.56 4.00
N ALA A 158 -1.53 3.15 5.12
CA ALA A 158 -0.11 3.20 5.47
C ALA A 158 0.30 2.04 6.37
N PHE A 159 -0.50 1.74 7.40
CA PHE A 159 -0.17 0.69 8.34
C PHE A 159 -1.42 -0.12 8.64
N SER A 160 -1.18 -1.30 9.20
CA SER A 160 -2.21 -2.25 9.68
C SER A 160 -1.95 -2.51 11.17
N ILE A 161 -2.99 -2.49 11.97
CA ILE A 161 -2.83 -2.72 13.43
C ILE A 161 -3.72 -3.89 13.85
N LYS A 162 -3.13 -4.89 14.48
CA LYS A 162 -3.89 -6.03 15.04
C LYS A 162 -3.66 -6.02 16.55
N ASP A 163 -4.70 -6.07 17.36
CA ASP A 163 -4.53 -6.00 18.83
C ASP A 163 -4.56 -7.41 19.44
N ALA A 164 -4.50 -7.49 20.76
CA ALA A 164 -4.49 -8.80 21.44
C ALA A 164 -5.81 -9.53 21.25
N LYS A 165 -6.87 -8.75 21.04
CA LYS A 165 -8.23 -9.29 20.87
C LYS A 165 -8.57 -9.52 19.41
N ASN A 166 -7.60 -9.48 18.53
CA ASN A 166 -7.73 -9.72 17.06
C ASN A 166 -8.54 -8.66 16.30
N GLN A 167 -8.73 -7.48 16.88
CA GLN A 167 -9.40 -6.38 16.18
C GLN A 167 -8.38 -5.79 15.21
N SER A 168 -8.65 -5.78 13.94
CA SER A 168 -7.70 -5.25 12.94
C SER A 168 -8.09 -3.83 12.51
N TYR A 169 -7.14 -2.90 12.37
CA TYR A 169 -7.42 -1.51 12.00
C TYR A 169 -6.39 -1.04 10.99
N GLU A 170 -6.63 0.16 10.45
CA GLU A 170 -5.79 0.74 9.42
C GLU A 170 -5.45 2.18 9.75
N LEU A 171 -4.20 2.55 9.54
CA LEU A 171 -3.76 3.94 9.59
C LEU A 171 -3.69 4.45 8.15
N ARG A 172 -4.43 5.52 7.87
CA ARG A 172 -4.54 6.03 6.51
C ARG A 172 -4.47 7.55 6.52
N THR A 173 -3.55 8.09 5.72
CA THR A 173 -3.41 9.53 5.57
C THR A 173 -4.38 10.05 4.50
N THR A 174 -4.68 11.35 4.60
CA THR A 174 -5.39 12.06 3.55
C THR A 174 -4.48 13.04 2.79
N GLN A 175 -3.32 13.36 3.35
CA GLN A 175 -2.31 14.17 2.68
C GLN A 175 -0.98 13.43 2.76
N ILE A 176 -0.28 13.35 1.63
CA ILE A 176 0.97 12.60 1.56
C ILE A 176 2.10 13.43 2.15
N ASN A 177 3.10 12.74 2.70
CA ASN A 177 4.29 13.35 3.27
C ASN A 177 3.94 14.36 4.37
N LYS A 178 2.86 14.08 5.10
CA LYS A 178 2.43 14.92 6.21
C LYS A 178 2.16 14.03 7.42
N TRP A 179 2.66 14.44 8.57
CA TRP A 179 2.42 13.68 9.79
C TRP A 179 0.93 13.71 10.14
N SER A 180 0.35 12.53 10.34
CA SER A 180 -1.06 12.39 10.64
C SER A 180 -1.23 11.69 11.98
N TYR A 181 -2.46 11.72 12.50
CA TYR A 181 -2.76 11.20 13.82
C TYR A 181 -4.10 10.49 13.80
N LYS A 182 -4.21 9.43 14.60
CA LYS A 182 -5.45 8.66 14.69
C LYS A 182 -5.44 7.87 15.99
N GLU A 183 -6.54 7.93 16.73
CA GLU A 183 -6.66 7.25 18.02
C GLU A 183 -7.47 5.97 17.87
N LEU A 184 -7.08 4.95 18.62
CA LEU A 184 -7.80 3.69 18.67
C LEU A 184 -7.78 3.17 20.10
N GLU A 185 -8.86 2.49 20.49
CA GLU A 185 -8.96 1.85 21.80
C GLU A 185 -8.65 0.37 21.61
N LEU A 186 -7.45 -0.03 21.99
CA LEU A 186 -6.94 -1.37 21.68
C LEU A 186 -6.50 -2.07 22.96
N ASP A 187 -6.17 -3.35 22.80
CA ASP A 187 -5.62 -4.17 23.87
C ASP A 187 -4.21 -4.62 23.48
N LEU A 188 -3.26 -4.38 24.37
CA LEU A 188 -1.89 -4.84 24.15
C LEU A 188 -1.76 -6.31 24.54
N PRO A 189 -0.84 -7.06 23.90
CA PRO A 189 0.11 -6.64 22.87
C PRO A 189 -0.51 -6.45 21.49
N LEU A 190 0.03 -5.52 20.71
CA LEU A 190 -0.44 -5.28 19.36
C LEU A 190 0.73 -5.35 18.39
N GLN A 191 0.41 -5.72 17.14
CA GLN A 191 1.38 -5.78 16.07
C GLN A 191 1.04 -4.72 15.02
N ILE A 192 2.04 -3.99 14.56
CA ILE A 192 1.89 -3.03 13.49
C ILE A 192 2.55 -3.61 12.24
N SER A 193 1.84 -3.59 11.12
CA SER A 193 2.37 -4.06 9.85
C SER A 193 2.27 -2.95 8.81
N ALA A 194 3.34 -2.78 8.05
CA ALA A 194 3.39 -1.74 7.04
C ALA A 194 2.67 -2.20 5.77
N LEU A 195 1.73 -1.37 5.31
CA LEU A 195 1.06 -1.63 4.04
C LEU A 195 1.69 -0.86 2.88
N GLN A 196 2.62 0.05 3.19
CA GLN A 196 3.45 0.71 2.21
C GLN A 196 4.90 0.63 2.68
N LYS A 197 5.82 0.53 1.73
CA LYS A 197 7.21 0.76 2.05
C LYS A 197 7.45 2.25 2.21
N ASP A 198 8.45 2.62 3.00
CA ASP A 198 8.79 3.99 3.38
C ASP A 198 7.73 4.65 4.25
N ALA A 199 6.71 3.90 4.68
CA ALA A 199 5.75 4.44 5.64
C ALA A 199 6.42 4.66 6.99
N GLU A 200 5.99 5.72 7.69
CA GLU A 200 6.70 6.19 8.87
C GLU A 200 5.79 6.23 10.09
N LEU A 201 6.37 5.96 11.25
CA LEU A 201 5.73 6.13 12.54
C LEU A 201 6.53 7.13 13.36
N GLY A 202 5.83 7.96 14.13
CA GLY A 202 6.48 9.05 14.84
C GLY A 202 6.39 8.96 16.35
N GLY A 203 5.51 8.12 16.86
CA GLY A 203 5.35 7.96 18.30
C GLY A 203 3.92 7.59 18.64
N TYR A 204 3.75 7.10 19.87
CA TYR A 204 2.46 6.69 20.38
C TYR A 204 2.08 7.52 21.60
N PHE A 205 0.77 7.62 21.84
CA PHE A 205 0.22 8.27 23.01
C PHE A 205 -0.70 7.25 23.69
N ILE A 206 -0.20 6.59 24.72
CA ILE A 206 -0.89 5.49 25.38
C ILE A 206 -1.44 6.01 26.71
N THR A 207 -2.76 6.19 26.77
CA THR A 207 -3.39 6.75 27.95
C THR A 207 -4.69 6.00 28.25
N ASN A 208 -5.12 6.08 29.50
CA ASN A 208 -6.46 5.63 29.87
C ASN A 208 -7.50 6.63 29.37
N LYS A 209 -8.75 6.18 29.34
CA LYS A 209 -9.82 7.03 28.81
C LYS A 209 -10.03 8.27 29.68
N ASP A 210 -9.64 8.20 30.95
CA ASP A 210 -9.65 9.37 31.83
C ASP A 210 -8.79 9.07 33.05
N ASN A 211 -8.52 10.12 33.82
CA ASN A 211 -7.76 10.05 35.07
C ASN A 211 -6.42 9.34 34.84
N ASN A 212 -5.54 10.04 34.14
CA ASN A 212 -4.24 9.51 33.73
C ASN A 212 -3.16 10.01 34.67
N VAL A 213 -2.46 9.08 35.30
CA VAL A 213 -1.26 9.38 36.09
C VAL A 213 -0.09 8.67 35.41
N PHE A 214 0.89 9.45 34.97
CA PHE A 214 1.96 8.87 34.17
C PHE A 214 3.21 9.74 34.27
N LEU A 215 4.33 9.14 33.88
CA LEU A 215 5.59 9.86 33.66
C LEU A 215 6.21 9.30 32.38
N ASP A 216 6.10 10.05 31.29
CA ASP A 216 6.74 9.66 30.04
C ASP A 216 8.02 10.47 29.85
N THR A 217 8.83 10.02 28.89
CA THR A 217 10.14 10.61 28.65
C THR A 217 10.32 10.91 27.17
N ILE A 218 10.98 12.03 26.88
CA ILE A 218 11.42 12.36 25.53
C ILE A 218 12.90 12.70 25.60
N ALA A 219 13.74 11.66 25.67
CA ALA A 219 15.18 11.83 25.85
C ALA A 219 15.94 11.10 24.75
N ILE A 220 17.07 11.69 24.37
CA ILE A 220 17.92 11.16 23.30
C ILE A 220 19.37 11.20 23.77
N ASN A 221 20.05 10.05 23.69
CA ASN A 221 21.48 10.02 23.99
C ASN A 221 22.22 11.02 23.13
N GLY A 222 23.01 11.88 23.78
CA GLY A 222 23.81 12.85 23.05
C GLY A 222 23.05 14.03 22.50
N ALA A 223 21.93 14.39 23.12
CA ALA A 223 21.11 15.49 22.64
C ALA A 223 21.50 16.80 23.33
N LYS A 224 21.62 17.86 22.54
CA LYS A 224 21.86 19.18 23.10
C LYS A 224 20.54 19.79 23.55
N SER A 225 20.64 20.89 24.30
CA SER A 225 19.45 21.57 24.80
C SER A 225 18.55 22.04 23.69
N ASP A 226 19.12 22.34 22.52
CA ASP A 226 18.40 22.89 21.39
C ASP A 226 18.10 21.85 20.32
N LEU A 227 17.98 20.58 20.70
CA LEU A 227 17.63 19.55 19.72
C LEU A 227 16.22 19.76 19.19
N TRP A 228 15.32 20.34 20.00
CA TRP A 228 13.95 20.56 19.57
C TRP A 228 13.87 21.48 18.35
N LEU A 229 14.91 22.29 18.11
CA LEU A 229 14.95 23.09 16.89
C LEU A 229 15.06 22.23 15.63
N SER A 230 15.47 20.98 15.76
CA SER A 230 15.56 20.07 14.64
C SER A 230 14.20 19.58 14.15
N TRP A 231 13.14 19.76 14.93
CA TRP A 231 11.87 19.11 14.68
C TRP A 231 10.89 20.04 13.95
N ASN A 232 9.88 19.43 13.34
CA ASN A 232 8.80 20.16 12.69
C ASN A 232 8.00 20.90 13.76
N GLN A 233 8.08 22.23 13.75
CA GLN A 233 7.48 23.02 14.81
C GLN A 233 5.95 22.95 14.79
N THR A 234 5.34 22.84 13.61
CA THR A 234 3.90 22.70 13.54
C THR A 234 3.44 21.37 14.13
N VAL A 235 4.14 20.29 13.79
CA VAL A 235 3.79 18.97 14.32
C VAL A 235 4.15 18.88 15.80
N VAL A 236 5.24 19.53 16.21
CA VAL A 236 5.60 19.54 17.63
C VAL A 236 4.49 20.19 18.45
N LYS A 237 3.94 21.30 17.96
CA LYS A 237 2.88 21.99 18.68
C LYS A 237 1.61 21.14 18.72
N LYS A 238 1.30 20.44 17.63
CA LYS A 238 0.12 19.57 17.61
C LYS A 238 0.27 18.43 18.61
N GLU A 239 1.49 17.90 18.75
CA GLU A 239 1.74 16.80 19.69
C GLU A 239 1.77 17.29 21.13
N LEU A 240 2.25 18.52 21.37
CA LEU A 240 2.21 19.07 22.72
C LEU A 240 0.77 19.21 23.20
N GLY A 241 -0.15 19.54 22.29
CA GLY A 241 -1.56 19.69 22.64
C GLY A 241 -2.32 18.41 22.78
N LEU A 242 -1.76 17.28 22.33
CA LEU A 242 -2.43 15.99 22.45
C LEU A 242 -2.40 15.44 23.88
N LEU A 243 -1.43 15.85 24.69
CA LEU A 243 -1.28 15.30 26.03
C LEU A 243 -0.78 16.41 26.95
N HIS A 244 -1.62 16.84 27.88
CA HIS A 244 -1.25 17.89 28.81
C HIS A 244 -0.31 17.34 29.88
N ASN A 245 0.69 18.16 30.24
CA ASN A 245 1.65 17.81 31.28
C ASN A 245 1.50 18.79 32.43
N ASP A 246 1.39 18.26 33.65
CA ASP A 246 1.33 19.10 34.83
C ASP A 246 2.70 19.46 35.38
N LEU A 247 3.70 18.62 35.13
CA LEU A 247 5.07 18.87 35.55
C LEU A 247 6.00 18.47 34.41
N ILE A 248 6.79 19.42 33.92
CA ILE A 248 7.69 19.21 32.80
C ILE A 248 9.12 19.41 33.27
N ILE A 249 9.98 18.43 33.01
CA ILE A 249 11.38 18.46 33.42
C ILE A 249 12.26 18.53 32.18
N LEU A 250 13.19 19.48 32.17
CA LEU A 250 14.17 19.63 31.10
C LEU A 250 15.56 19.35 31.67
N ALA A 251 16.16 18.24 31.26
CA ALA A 251 17.45 17.78 31.77
C ALA A 251 18.47 17.81 30.63
N TYR A 252 18.94 19.01 30.30
CA TYR A 252 19.94 19.21 29.25
C TYR A 252 21.17 19.89 29.84
N GLY A 253 22.21 20.01 29.00
CA GLY A 253 23.40 20.71 29.40
C GLY A 253 24.70 19.96 29.10
N SER A 254 24.68 18.63 29.27
CA SER A 254 25.89 17.85 29.09
C SER A 254 26.45 18.00 27.68
N ASN A 255 25.61 17.77 26.67
CA ASN A 255 26.08 17.73 25.29
C ASN A 255 26.32 19.12 24.71
N ASP A 256 25.75 20.18 25.31
CA ASP A 256 26.15 21.52 24.91
C ASP A 256 27.60 21.80 25.31
N ALA A 257 28.08 21.16 26.39
CA ALA A 257 29.45 21.34 26.83
C ALA A 257 30.43 20.43 26.10
N LEU A 258 29.96 19.34 25.51
CA LEU A 258 30.84 18.36 24.87
C LEU A 258 30.98 18.56 23.37
N PHE A 259 30.01 19.20 22.72
CA PHE A 259 30.01 19.37 21.28
C PHE A 259 30.07 20.85 20.92
N LYS A 260 30.33 21.11 19.64
CA LYS A 260 30.50 22.47 19.15
C LYS A 260 29.16 23.22 19.16
N GLY A 261 29.26 24.55 19.01
CA GLY A 261 28.10 25.38 18.82
C GLY A 261 27.58 26.11 20.04
N PHE A 262 28.30 26.10 21.15
CA PHE A 262 27.81 26.75 22.35
C PHE A 262 28.12 28.24 22.34
N GLU A 263 27.09 29.04 22.65
CA GLU A 263 27.25 30.46 22.96
C GLU A 263 26.19 30.78 24.00
N LYS A 264 26.59 31.49 25.06
CA LYS A 264 25.75 31.57 26.25
C LYS A 264 24.39 32.17 25.96
N GLN A 265 24.34 33.25 25.17
CA GLN A 265 23.07 33.91 24.90
C GLN A 265 22.20 33.08 23.98
N LYS A 266 22.80 32.43 22.97
CA LYS A 266 22.03 31.54 22.11
C LYS A 266 21.53 30.33 22.88
N PHE A 267 22.32 29.84 23.83
CA PHE A 267 21.89 28.75 24.70
C PHE A 267 20.66 29.16 25.51
N LYS A 268 20.71 30.34 26.12
CA LYS A 268 19.60 30.78 26.97
C LYS A 268 18.37 31.11 26.15
N ASN A 269 18.55 31.77 25.00
CA ASN A 269 17.41 32.20 24.21
C ASN A 269 16.61 31.02 23.68
N ASN A 270 17.30 30.03 23.12
CA ASN A 270 16.61 28.86 22.59
C ASN A 270 15.90 28.09 23.70
N LEU A 271 16.53 27.99 24.88
CA LEU A 271 15.90 27.30 25.99
C LEU A 271 14.71 28.07 26.53
N LYS A 272 14.82 29.41 26.56
CA LYS A 272 13.70 30.21 27.04
C LYS A 272 12.53 30.19 26.08
N LYS A 273 12.81 30.11 24.77
CA LYS A 273 11.73 29.92 23.80
C LYS A 273 11.03 28.58 24.01
N TRP A 274 11.81 27.54 24.32
CA TRP A 274 11.25 26.21 24.55
C TRP A 274 10.42 26.20 25.82
N ILE A 275 10.88 26.85 26.89
CA ILE A 275 10.13 26.90 28.14
C ILE A 275 8.81 27.64 27.93
N SER A 276 8.86 28.77 27.23
CA SER A 276 7.64 29.53 26.99
C SER A 276 6.64 28.74 26.14
N ILE A 277 7.13 27.99 25.16
CA ILE A 277 6.26 27.15 24.35
C ILE A 277 5.61 26.07 25.22
N LEU A 278 6.39 25.44 26.09
CA LEU A 278 5.86 24.37 26.92
C LEU A 278 4.85 24.89 27.94
N LYS A 279 5.13 26.04 28.55
CA LYS A 279 4.18 26.60 29.51
C LYS A 279 2.91 27.07 28.83
N THR A 280 3.01 27.59 27.60
CA THR A 280 1.84 28.01 26.86
C THR A 280 0.99 26.80 26.45
N TYR A 281 1.65 25.72 26.02
CA TYR A 281 0.96 24.53 25.55
C TYR A 281 0.66 23.54 26.67
N ASN A 282 1.05 23.86 27.91
CA ASN A 282 0.68 23.09 29.10
C ASN A 282 0.33 24.11 30.18
N LYS A 283 -0.93 24.55 30.18
CA LYS A 283 -1.35 25.60 31.09
C LYS A 283 -1.15 25.18 32.54
N ASN A 284 -0.58 26.08 33.33
CA ASN A 284 -0.29 25.91 34.75
C ASN A 284 0.77 24.87 35.04
N ALA A 285 1.53 24.44 34.04
CA ALA A 285 2.56 23.44 34.26
C ALA A 285 3.70 24.03 35.08
N VAL A 286 4.21 23.25 36.01
CA VAL A 286 5.40 23.60 36.77
C VAL A 286 6.62 23.11 35.99
N ILE A 287 7.59 23.99 35.77
CA ILE A 287 8.78 23.69 34.99
C ILE A 287 9.94 23.44 35.94
N MET A 288 10.70 22.38 35.70
CA MET A 288 11.90 22.08 36.47
C MET A 288 13.05 21.85 35.48
N LEU A 289 14.12 22.61 35.66
CA LEU A 289 15.36 22.33 34.93
C LEU A 289 16.23 21.42 35.79
N ILE A 290 17.02 20.59 35.11
CA ILE A 290 18.00 19.73 35.77
C ILE A 290 19.36 20.05 35.16
N SER A 291 20.26 20.56 35.99
CA SER A 291 21.61 20.88 35.53
C SER A 291 22.46 19.61 35.51
N PRO A 292 23.31 19.45 34.51
CA PRO A 292 24.01 18.16 34.31
C PRO A 292 24.94 17.85 35.47
N PRO A 293 25.38 16.60 35.59
CA PRO A 293 26.45 16.30 36.56
C PRO A 293 27.77 16.86 36.06
N THR A 294 28.78 16.79 36.92
CA THR A 294 30.10 17.33 36.58
C THR A 294 30.57 16.80 35.23
N VAL A 295 30.50 17.65 34.20
CA VAL A 295 30.80 17.22 32.83
C VAL A 295 32.31 17.25 32.61
N VAL A 296 32.87 16.11 32.22
CA VAL A 296 34.28 16.00 31.88
C VAL A 296 34.40 15.57 30.43
N GLN A 297 35.56 15.84 29.84
CA GLN A 297 35.84 15.43 28.47
C GLN A 297 37.29 14.97 28.39
N LYS A 298 37.58 14.15 27.37
CA LYS A 298 38.85 13.45 27.35
C LYS A 298 39.97 14.39 26.92
N GLN A 299 41.08 14.34 27.65
CA GLN A 299 42.28 15.11 27.34
C GLN A 299 43.21 14.34 26.41
N GLY A 300 42.82 13.13 26.00
CA GLY A 300 43.78 12.17 25.52
C GLY A 300 44.38 11.46 26.71
N LYS A 301 44.07 10.17 26.85
CA LYS A 301 44.46 9.37 28.01
C LYS A 301 43.66 9.76 29.25
N ASN A 302 43.53 11.06 29.50
CA ASN A 302 42.99 11.59 30.74
C ASN A 302 41.57 12.13 30.53
N TYR A 303 41.04 12.77 31.59
CA TYR A 303 39.77 13.46 31.55
C TYR A 303 39.93 14.83 32.21
N LYS A 304 39.18 15.80 31.70
CA LYS A 304 39.27 17.17 32.20
C LYS A 304 37.89 17.81 32.12
N LEU A 305 37.65 18.76 33.03
CA LEU A 305 36.40 19.52 33.01
C LEU A 305 36.16 20.17 31.65
N ALA A 306 34.92 20.15 31.20
CA ALA A 306 34.57 20.91 30.01
C ALA A 306 34.55 22.39 30.37
N PRO A 307 35.21 23.26 29.59
CA PRO A 307 35.24 24.68 29.96
C PRO A 307 33.87 25.33 29.98
N ASP A 308 32.97 24.92 29.09
CA ASP A 308 31.64 25.50 29.02
C ASP A 308 30.70 25.00 30.11
N PHE A 309 31.11 24.00 30.89
CA PHE A 309 30.20 23.39 31.85
C PHE A 309 29.73 24.38 32.90
N PHE A 310 30.66 25.14 33.48
CA PHE A 310 30.30 26.10 34.51
C PHE A 310 29.54 27.30 33.95
N THR A 311 29.72 27.61 32.66
CA THR A 311 28.91 28.64 32.03
C THR A 311 27.49 28.14 31.79
N ILE A 312 27.35 26.89 31.34
CA ILE A 312 26.03 26.32 31.12
C ILE A 312 25.25 26.23 32.43
N ARG A 313 25.93 25.78 33.50
CA ARG A 313 25.28 25.66 34.80
C ARG A 313 24.79 27.01 35.30
N LYS A 314 25.63 28.04 35.17
CA LYS A 314 25.22 29.38 35.58
C LYS A 314 24.07 29.89 34.70
N ALA A 315 24.13 29.60 33.40
CA ALA A 315 23.05 30.02 32.51
C ALA A 315 21.73 29.33 32.87
N LEU A 316 21.78 28.10 33.36
CA LEU A 316 20.56 27.39 33.73
C LEU A 316 19.92 28.00 34.97
N TYR A 317 20.75 28.47 35.91
CA TYR A 317 20.21 29.18 37.07
C TYR A 317 19.59 30.51 36.65
N GLU A 318 20.22 31.22 35.72
CA GLU A 318 19.67 32.47 35.21
C GLU A 318 18.31 32.24 34.55
N VAL A 319 18.24 31.22 33.69
CA VAL A 319 16.98 30.91 33.01
C VAL A 319 15.93 30.46 34.02
N ALA A 320 16.36 29.79 35.09
CA ALA A 320 15.41 29.35 36.12
C ALA A 320 14.77 30.54 36.82
N LYS A 321 15.53 31.61 37.05
CA LYS A 321 14.96 32.81 37.65
C LYS A 321 14.14 33.61 36.64
N GLU A 322 14.61 33.68 35.40
CA GLU A 322 13.92 34.47 34.39
C GLU A 322 12.59 33.83 34.00
N GLU A 323 12.55 32.51 33.92
CA GLU A 323 11.31 31.79 33.56
C GLU A 323 10.58 31.24 34.77
N LYS A 324 11.06 31.51 35.99
CA LYS A 324 10.40 31.13 37.23
C LYS A 324 10.14 29.62 37.28
N THR A 325 11.25 28.88 37.31
CA THR A 325 11.21 27.43 37.29
C THR A 325 12.00 26.87 38.48
N LEU A 326 11.81 25.58 38.72
CA LEU A 326 12.69 24.85 39.62
C LEU A 326 13.97 24.47 38.88
N ILE A 327 15.04 24.27 39.65
CA ILE A 327 16.31 23.81 39.09
C ILE A 327 16.96 22.86 40.08
N PHE A 328 17.10 21.59 39.70
CA PHE A 328 17.84 20.61 40.46
C PHE A 328 19.25 20.51 39.88
N ASP A 329 20.25 20.72 40.72
CA ASP A 329 21.65 20.78 40.29
C ASP A 329 22.32 19.46 40.65
N MET A 330 22.53 18.61 39.65
CA MET A 330 23.16 17.31 39.90
C MET A 330 24.63 17.47 40.25
N HIS A 331 25.32 18.41 39.62
CA HIS A 331 26.71 18.65 39.96
C HIS A 331 26.85 19.14 41.40
N GLN A 332 25.87 19.92 41.87
CA GLN A 332 25.90 20.41 43.25
C GLN A 332 25.84 19.25 44.25
N PHE A 333 24.94 18.29 44.02
CA PHE A 333 24.85 17.14 44.90
C PHE A 333 26.08 16.25 44.77
N MET A 334 26.60 16.10 43.55
CA MET A 334 27.82 15.32 43.36
C MET A 334 28.98 15.92 44.12
N GLN A 335 29.09 17.25 44.12
CA GLN A 335 30.17 17.93 44.84
C GLN A 335 29.93 17.94 46.34
N ASP A 336 28.67 18.01 46.78
CA ASP A 336 28.37 18.02 48.21
C ASP A 336 28.65 16.68 48.87
N SER A 337 28.77 15.60 48.08
CA SER A 337 28.96 14.26 48.62
C SER A 337 30.28 13.65 48.17
N GLY A 338 31.30 14.47 47.96
CA GLY A 338 32.65 14.01 47.70
C GLY A 338 33.22 14.39 46.35
N GLY A 339 32.38 14.67 45.36
CA GLY A 339 32.84 15.02 44.04
C GLY A 339 32.84 13.83 43.09
N LYS A 340 33.05 14.14 41.80
CA LYS A 340 33.01 13.11 40.78
C LYS A 340 34.07 12.04 41.00
N ASN A 341 35.23 12.42 41.54
CA ASN A 341 36.28 11.44 41.81
C ASN A 341 35.84 10.44 42.86
N LYS A 342 35.22 10.91 43.95
CA LYS A 342 34.69 10.00 44.95
C LYS A 342 33.56 9.15 44.41
N TRP A 343 32.77 9.70 43.49
CA TRP A 343 31.69 8.93 42.86
C TRP A 343 32.24 7.83 41.95
N ILE A 344 33.38 8.10 41.29
CA ILE A 344 33.98 7.08 40.43
C ILE A 344 34.50 5.92 41.27
N GLU A 345 35.12 6.23 42.42
CA GLU A 345 35.69 5.18 43.26
C GLU A 345 34.61 4.21 43.72
N GLN A 346 33.40 4.70 43.99
CA GLN A 346 32.31 3.90 44.51
C GLN A 346 31.38 3.39 43.40
N LYS A 347 31.83 3.47 42.14
CA LYS A 347 31.04 3.03 40.98
C LYS A 347 29.66 3.67 40.95
N LEU A 348 29.52 4.85 41.57
CA LEU A 348 28.37 5.70 41.32
C LEU A 348 28.51 6.46 40.02
N SER A 349 29.72 6.54 39.48
CA SER A 349 30.03 7.30 38.29
C SER A 349 31.00 6.50 37.43
N LEU A 350 31.05 6.87 36.16
CA LEU A 350 32.11 6.41 35.27
C LEU A 350 33.08 7.56 35.06
N ASN A 351 34.16 7.29 34.32
CA ASN A 351 35.19 8.31 34.14
C ASN A 351 34.76 9.42 33.20
N ASP A 352 33.80 9.16 32.30
CA ASP A 352 33.29 10.19 31.41
C ASP A 352 32.08 10.85 32.07
N VAL A 353 31.26 11.55 31.27
CA VAL A 353 30.12 12.28 31.81
C VAL A 353 29.06 11.35 32.39
N HIS A 354 29.04 10.08 31.98
CA HIS A 354 27.95 9.19 32.35
C HIS A 354 28.11 8.69 33.78
N LEU A 355 26.97 8.36 34.39
CA LEU A 355 26.91 7.73 35.70
C LEU A 355 26.44 6.29 35.55
N THR A 356 26.55 5.54 36.63
CA THR A 356 25.99 4.20 36.67
C THR A 356 24.52 4.26 37.06
N ILE A 357 23.86 3.09 37.03
CA ILE A 357 22.47 3.01 37.48
C ILE A 357 22.38 3.42 38.94
N LYS A 358 23.34 2.98 39.75
CA LYS A 358 23.35 3.35 41.17
C LYS A 358 23.49 4.86 41.34
N GLY A 359 24.28 5.51 40.47
CA GLY A 359 24.39 6.95 40.54
C GLY A 359 23.13 7.66 40.08
N TYR A 360 22.45 7.12 39.08
CA TYR A 360 21.22 7.73 38.59
C TYR A 360 20.07 7.57 39.59
N GLU A 361 20.05 6.45 40.32
CA GLU A 361 19.04 6.27 41.36
C GLU A 361 19.35 7.13 42.58
N LEU A 362 20.64 7.31 42.88
CA LEU A 362 21.01 8.21 43.98
C LEU A 362 20.63 9.65 43.65
N MET A 363 20.81 10.06 42.39
CA MET A 363 20.39 11.39 41.97
C MET A 363 18.87 11.56 42.09
N ALA A 364 18.12 10.54 41.65
CA ALA A 364 16.66 10.65 41.65
C ALA A 364 16.10 10.68 43.06
N LYS A 365 16.65 9.86 43.95
CA LYS A 365 16.20 9.89 45.34
C LYS A 365 16.57 11.19 46.02
N LYS A 366 17.67 11.82 45.60
CA LYS A 366 18.04 13.11 46.17
C LYS A 366 17.04 14.20 45.76
N LEU A 367 16.59 14.17 44.50
CA LEU A 367 15.55 15.10 44.07
C LEU A 367 14.26 14.87 44.82
N LEU A 368 13.92 13.59 45.07
CA LEU A 368 12.71 13.29 45.84
C LEU A 368 12.84 13.80 47.27
N GLU A 369 14.05 13.77 47.83
CA GLU A 369 14.25 14.30 49.18
C GLU A 369 14.10 15.82 49.18
N ASP A 370 14.77 16.50 48.26
CA ASP A 370 14.70 17.96 48.21
C ASP A 370 13.32 18.44 47.81
N LEU A 371 12.60 17.66 46.98
CA LEU A 371 11.24 18.02 46.61
C LEU A 371 10.33 18.08 47.83
N LYS A 372 10.58 17.24 48.83
CA LYS A 372 9.73 17.19 50.02
C LYS A 372 9.72 18.53 50.75
N ASN A 373 10.84 19.24 50.76
CA ASN A 373 10.93 20.51 51.49
C ASN A 373 10.12 21.63 50.84
N ILE A 374 9.64 21.44 49.62
CA ILE A 374 8.82 22.44 48.95
C ILE A 374 7.46 21.92 48.51
N ILE A 375 7.26 20.60 48.48
CA ILE A 375 6.02 20.01 47.98
C ILE A 375 5.70 18.78 48.81
N ASP A 376 4.43 18.67 49.23
CA ASP A 376 3.96 17.50 49.96
C ASP A 376 3.46 16.46 48.96
N TYR A 377 4.02 15.25 49.04
CA TYR A 377 3.57 14.15 48.20
C TYR A 377 3.74 12.81 48.90
N ASP B 13 -36.65 3.04 -27.38
CA ASP B 13 -36.70 4.02 -26.31
C ASP B 13 -35.31 4.53 -25.96
N THR B 14 -35.21 5.26 -24.85
CA THR B 14 -33.90 5.62 -24.32
C THR B 14 -33.10 4.37 -23.98
N ILE B 15 -33.76 3.35 -23.44
CA ILE B 15 -33.09 2.10 -23.10
C ILE B 15 -32.66 1.37 -24.37
N ASP B 16 -33.61 1.11 -25.26
CA ASP B 16 -33.34 0.29 -26.43
C ASP B 16 -32.32 0.92 -27.37
N SER B 17 -32.26 2.25 -27.41
CA SER B 17 -31.31 2.91 -28.33
C SER B 17 -29.90 2.90 -27.78
N ILE B 18 -29.73 3.09 -26.47
CA ILE B 18 -28.40 3.04 -25.88
C ILE B 18 -27.83 1.62 -25.94
N LEU B 19 -28.69 0.62 -25.79
CA LEU B 19 -28.24 -0.77 -25.91
C LEU B 19 -27.75 -1.05 -27.33
N ASN B 20 -28.43 -0.53 -28.33
CA ASN B 20 -28.03 -0.75 -29.72
C ASN B 20 -26.71 -0.04 -30.03
N GLN B 21 -26.42 1.06 -29.33
CA GLN B 21 -25.16 1.76 -29.56
C GLN B 21 -23.98 1.00 -28.98
N ASN B 22 -24.19 0.27 -27.89
CA ASN B 22 -23.12 -0.45 -27.20
C ASN B 22 -23.32 -1.97 -27.32
N LYS B 23 -23.80 -2.43 -28.47
CA LYS B 23 -24.07 -3.83 -28.70
C LYS B 23 -22.83 -4.66 -29.01
N ASN B 24 -21.66 -4.02 -29.11
CA ASN B 24 -20.42 -4.70 -29.42
C ASN B 24 -19.38 -4.59 -28.32
N HIS B 25 -19.67 -3.89 -27.24
CA HIS B 25 -18.77 -3.78 -26.09
C HIS B 25 -19.44 -4.47 -24.91
N SER B 26 -19.05 -5.71 -24.65
CA SER B 26 -19.58 -6.43 -23.50
C SER B 26 -19.08 -5.80 -22.20
N ALA B 27 -19.97 -5.74 -21.20
CA ALA B 27 -19.59 -5.38 -19.85
C ALA B 27 -19.49 -6.60 -18.95
N LEU B 28 -19.41 -7.78 -19.55
CA LEU B 28 -19.45 -9.05 -18.83
C LEU B 28 -18.22 -9.87 -19.17
N THR B 29 -17.41 -10.20 -18.17
CA THR B 29 -16.25 -11.05 -18.32
C THR B 29 -16.50 -12.38 -17.61
N SER B 30 -16.12 -13.47 -18.26
CA SER B 30 -16.42 -14.82 -17.79
C SER B 30 -15.12 -15.57 -17.52
N TYR B 31 -14.94 -16.02 -16.27
CA TYR B 31 -13.90 -16.98 -15.93
C TYR B 31 -14.49 -18.33 -15.54
N VAL B 32 -15.77 -18.55 -15.86
CA VAL B 32 -16.46 -19.78 -15.51
C VAL B 32 -16.05 -20.89 -16.46
N SER B 33 -16.05 -22.13 -15.95
CA SER B 33 -15.79 -23.29 -16.79
C SER B 33 -16.94 -23.51 -17.77
N LYS B 34 -16.63 -24.13 -18.91
CA LYS B 34 -17.64 -24.38 -19.93
C LYS B 34 -18.72 -25.33 -19.40
N LYS B 35 -18.39 -26.17 -18.43
CA LYS B 35 -19.36 -27.14 -17.91
C LYS B 35 -20.38 -26.47 -17.00
N ASP B 36 -19.94 -25.46 -16.24
CA ASP B 36 -20.85 -24.75 -15.36
C ASP B 36 -21.79 -23.84 -16.13
N LEU B 37 -21.28 -23.16 -17.16
CA LEU B 37 -22.13 -22.28 -17.97
C LEU B 37 -23.16 -23.07 -18.75
N LYS B 38 -22.76 -24.21 -19.33
CA LYS B 38 -23.71 -25.04 -20.06
C LYS B 38 -24.71 -25.72 -19.14
N ASN B 39 -24.28 -26.03 -17.91
CA ASN B 39 -25.20 -26.66 -16.96
C ASN B 39 -26.30 -25.68 -16.54
N LEU B 40 -25.94 -24.43 -16.26
CA LEU B 40 -26.95 -23.43 -15.95
C LEU B 40 -27.81 -23.12 -17.17
N GLU B 41 -27.20 -23.10 -18.35
CA GLU B 41 -27.94 -22.86 -19.58
C GLU B 41 -29.01 -23.93 -19.80
N LYS B 42 -28.69 -25.18 -19.46
CA LYS B 42 -29.67 -26.26 -19.60
C LYS B 42 -30.81 -26.13 -18.60
N LYS B 43 -30.52 -25.60 -17.41
CA LYS B 43 -31.58 -25.42 -16.41
C LYS B 43 -32.60 -24.38 -16.88
N LEU B 44 -32.13 -23.28 -17.46
CA LEU B 44 -33.05 -22.27 -17.97
C LEU B 44 -33.91 -22.82 -19.09
N GLU B 45 -33.34 -23.68 -19.93
CA GLU B 45 -34.10 -24.29 -21.01
C GLU B 45 -35.08 -25.34 -20.48
N LYS B 46 -34.63 -26.16 -19.54
CA LYS B 46 -35.50 -27.17 -18.95
C LYS B 46 -36.69 -26.55 -18.23
N ASN B 47 -36.47 -25.39 -17.60
CA ASN B 47 -37.53 -24.64 -16.90
C ASN B 47 -38.24 -25.51 -15.86
N GLN B 48 -37.44 -26.24 -15.08
CA GLN B 48 -37.95 -27.06 -13.98
C GLN B 48 -37.63 -26.41 -12.65
N ASN B 49 -36.38 -26.47 -12.19
CA ASN B 49 -35.94 -25.80 -10.97
C ASN B 49 -34.85 -24.81 -11.34
N ILE B 50 -35.10 -23.52 -11.12
CA ILE B 50 -34.11 -22.47 -11.35
C ILE B 50 -34.17 -21.51 -10.17
N GLY B 51 -33.16 -21.58 -9.30
CA GLY B 51 -33.08 -20.67 -8.18
C GLY B 51 -31.99 -19.63 -8.35
N ILE B 52 -32.37 -18.36 -8.38
CA ILE B 52 -31.44 -17.25 -8.54
C ILE B 52 -31.52 -16.36 -7.32
N ARG B 53 -30.38 -15.86 -6.87
CA ARG B 53 -30.30 -14.98 -5.71
C ARG B 53 -29.37 -13.82 -6.02
N ILE B 54 -29.73 -12.65 -5.50
CA ILE B 54 -28.93 -11.43 -5.66
C ILE B 54 -28.60 -10.91 -4.26
N TYR B 55 -27.33 -11.00 -3.89
CA TYR B 55 -26.80 -10.28 -2.72
C TYR B 55 -26.27 -8.93 -3.19
N GLY B 56 -26.52 -7.89 -2.41
CA GLY B 56 -26.03 -6.59 -2.80
C GLY B 56 -26.41 -5.48 -1.84
N ASP B 57 -26.42 -4.25 -2.36
CA ASP B 57 -26.70 -3.07 -1.58
C ASP B 57 -27.87 -2.28 -2.15
N SER B 58 -27.79 -0.94 -2.13
CA SER B 58 -28.91 -0.11 -2.55
C SER B 58 -29.20 -0.26 -4.03
N HIS B 59 -28.20 -0.62 -4.84
CA HIS B 59 -28.44 -0.83 -6.26
C HIS B 59 -29.34 -2.03 -6.55
N MET B 60 -29.64 -2.85 -5.54
CA MET B 60 -30.50 -4.01 -5.69
C MET B 60 -31.65 -4.08 -4.69
N ALA B 61 -31.59 -3.31 -3.60
CA ALA B 61 -32.50 -3.51 -2.48
C ALA B 61 -33.93 -3.08 -2.78
N ALA B 62 -34.13 -2.18 -3.74
CA ALA B 62 -35.48 -1.75 -4.09
C ALA B 62 -36.06 -2.54 -5.26
N ASP B 63 -35.38 -3.60 -5.68
CA ASP B 63 -35.84 -4.61 -6.64
C ASP B 63 -35.91 -4.10 -8.08
N PHE B 64 -35.47 -2.87 -8.38
CA PHE B 64 -35.58 -2.37 -9.74
C PHE B 64 -34.70 -3.17 -10.70
N PHE B 65 -33.44 -3.41 -10.32
CA PHE B 65 -32.57 -4.25 -11.14
C PHE B 65 -32.97 -5.71 -11.06
N PRO B 66 -33.24 -6.31 -9.89
CA PRO B 66 -33.65 -7.72 -9.87
C PRO B 66 -34.96 -8.00 -10.58
N ARG B 67 -35.90 -7.06 -10.59
CA ARG B 67 -37.18 -7.28 -11.27
C ARG B 67 -36.97 -7.56 -12.75
N VAL B 68 -36.06 -6.82 -13.39
CA VAL B 68 -35.84 -6.99 -14.82
C VAL B 68 -35.18 -8.33 -15.10
N ILE B 69 -34.22 -8.73 -14.27
CA ILE B 69 -33.62 -10.06 -14.42
C ILE B 69 -34.66 -11.14 -14.15
N ARG B 70 -35.45 -10.96 -13.08
CA ARG B 70 -36.46 -11.95 -12.73
C ARG B 70 -37.49 -12.13 -13.82
N GLY B 71 -37.81 -11.07 -14.56
CA GLY B 71 -38.86 -11.12 -15.56
C GLY B 71 -38.44 -11.66 -16.91
N TYR B 72 -37.18 -11.47 -17.28
CA TYR B 72 -36.70 -11.86 -18.60
C TYR B 72 -35.79 -13.08 -18.60
N LEU B 73 -35.02 -13.29 -17.53
CA LEU B 73 -34.14 -14.45 -17.50
C LEU B 73 -34.88 -15.75 -17.21
N ILE B 74 -36.00 -15.69 -16.48
CA ILE B 74 -36.73 -16.88 -16.08
C ILE B 74 -38.24 -16.63 -16.14
N ARG B 75 -38.99 -17.73 -16.17
CA ARG B 75 -40.44 -17.70 -16.01
C ARG B 75 -40.74 -17.94 -14.54
N SER B 76 -40.68 -16.86 -13.77
CA SER B 76 -40.78 -16.97 -12.32
C SER B 76 -42.14 -17.54 -11.90
N ASN B 77 -42.11 -18.55 -11.01
CA ASN B 77 -43.31 -19.11 -10.41
C ASN B 77 -43.22 -19.21 -8.89
N SER B 78 -42.11 -18.79 -8.29
CA SER B 78 -41.91 -18.93 -6.86
C SER B 78 -41.25 -17.65 -6.33
N ILE B 79 -41.01 -17.62 -5.01
CA ILE B 79 -40.52 -16.42 -4.35
C ILE B 79 -39.12 -16.68 -3.77
N GLY B 80 -39.02 -17.62 -2.84
CA GLY B 80 -37.75 -17.92 -2.22
C GLY B 80 -37.58 -17.23 -0.87
N PHE B 81 -36.37 -16.78 -0.57
CA PHE B 81 -36.13 -16.09 0.68
C PHE B 81 -36.64 -14.65 0.60
N ALA B 82 -37.08 -14.14 1.75
CA ALA B 82 -37.50 -12.75 1.86
C ALA B 82 -37.38 -12.32 3.31
N TYR B 83 -37.13 -11.03 3.51
CA TYR B 83 -36.95 -10.50 4.85
C TYR B 83 -38.25 -10.64 5.66
N PRO B 84 -38.16 -10.75 6.98
CA PRO B 84 -39.39 -10.75 7.78
C PRO B 84 -40.16 -9.45 7.64
N LEU B 85 -39.45 -8.33 7.62
CA LEU B 85 -40.00 -7.03 7.24
C LEU B 85 -38.97 -6.31 6.41
N GLN B 86 -39.40 -5.65 5.36
CA GLN B 86 -38.46 -4.92 4.52
C GLN B 86 -38.01 -3.65 5.23
N PRO B 87 -36.70 -3.36 5.27
CA PRO B 87 -36.25 -2.06 5.74
C PRO B 87 -36.84 -0.96 4.88
N LYS B 88 -36.93 0.23 5.46
CA LYS B 88 -37.61 1.32 4.77
C LYS B 88 -36.92 1.62 3.44
N TYR B 89 -37.73 1.86 2.41
CA TYR B 89 -37.29 2.13 1.04
C TYR B 89 -36.64 0.92 0.39
N GLN B 90 -36.91 -0.28 0.89
CA GLN B 90 -36.55 -1.53 0.24
C GLN B 90 -37.83 -2.32 -0.05
N GLN B 91 -37.73 -3.26 -0.99
CA GLN B 91 -38.91 -4.05 -1.35
C GLN B 91 -38.50 -5.27 -2.14
N ASN B 92 -39.32 -6.31 -2.05
CA ASN B 92 -39.32 -7.45 -2.96
C ASN B 92 -40.69 -7.47 -3.63
N LEU B 93 -40.73 -7.22 -4.93
CA LEU B 93 -41.99 -7.01 -5.63
C LEU B 93 -42.83 -8.28 -5.75
N ASN B 94 -42.38 -9.40 -5.19
CA ASN B 94 -43.22 -10.59 -5.10
C ASN B 94 -44.11 -10.58 -3.87
N LEU B 95 -43.92 -9.63 -2.95
CA LEU B 95 -44.58 -9.69 -1.65
C LEU B 95 -45.04 -8.30 -1.23
N VAL B 96 -45.96 -8.28 -0.26
CA VAL B 96 -46.49 -7.06 0.33
C VAL B 96 -46.50 -7.22 1.84
N TYR B 97 -46.01 -6.21 2.56
CA TYR B 97 -45.92 -6.24 4.01
C TYR B 97 -46.77 -5.14 4.62
N SER B 98 -47.19 -5.38 5.86
CA SER B 98 -47.80 -4.38 6.73
C SER B 98 -47.69 -4.90 8.15
N TYR B 99 -47.52 -3.99 9.11
CA TYR B 99 -47.24 -4.42 10.47
C TYR B 99 -47.61 -3.31 11.45
N LYS B 100 -47.45 -3.62 12.74
CA LYS B 100 -47.74 -2.72 13.84
C LYS B 100 -47.08 -3.25 15.11
N ASN B 101 -46.39 -2.38 15.86
CA ASN B 101 -45.72 -2.74 17.11
C ASN B 101 -44.57 -3.70 16.91
N PHE B 102 -43.88 -3.63 15.77
CA PHE B 102 -42.69 -4.42 15.51
C PHE B 102 -41.49 -3.51 15.33
N GLU B 103 -40.33 -4.01 15.74
CA GLU B 103 -39.06 -3.31 15.58
C GLU B 103 -38.20 -4.04 14.56
N ILE B 104 -37.60 -3.28 13.65
CA ILE B 104 -36.76 -3.84 12.59
C ILE B 104 -35.30 -3.63 12.99
N LEU B 105 -34.60 -4.72 13.26
CA LEU B 105 -33.17 -4.67 13.56
C LEU B 105 -32.38 -4.94 12.29
N ASN B 106 -31.34 -4.14 12.06
CA ASN B 106 -30.57 -4.18 10.83
C ASN B 106 -29.10 -4.31 11.17
N SER B 107 -28.45 -5.37 10.69
CA SER B 107 -27.04 -5.60 11.01
C SER B 107 -26.16 -4.49 10.46
N ARG B 108 -26.58 -3.84 9.37
CA ARG B 108 -25.83 -2.72 8.84
C ARG B 108 -25.83 -1.51 9.78
N ASN B 109 -26.81 -1.41 10.66
CA ASN B 109 -26.95 -0.24 11.51
C ASN B 109 -25.99 -0.33 12.69
N PRO B 110 -25.10 0.66 12.87
CA PRO B 110 -24.25 0.66 14.08
C PRO B 110 -25.04 0.72 15.37
N ALA B 111 -26.22 1.34 15.35
CA ALA B 111 -27.08 1.38 16.53
C ALA B 111 -27.77 0.05 16.80
N ASN B 112 -27.73 -0.90 15.85
CA ASN B 112 -28.33 -2.21 16.03
C ASN B 112 -27.28 -3.30 16.25
N ALA B 113 -26.04 -2.92 16.52
CA ALA B 113 -24.95 -3.89 16.65
C ALA B 113 -25.12 -4.74 17.89
N GLY B 114 -24.50 -5.92 17.87
CA GLY B 114 -24.50 -6.82 19.00
C GLY B 114 -25.58 -7.88 19.00
N HIS B 115 -26.51 -7.83 18.04
CA HIS B 115 -27.61 -8.79 18.03
C HIS B 115 -27.19 -10.09 17.33
N ASN B 116 -27.96 -11.13 17.59
CA ASN B 116 -27.76 -12.44 16.96
C ASN B 116 -28.51 -12.41 15.62
N PHE B 117 -27.76 -12.17 14.54
CA PHE B 117 -28.39 -11.88 13.25
C PHE B 117 -28.48 -13.12 12.38
N PRO B 118 -29.59 -13.27 11.64
CA PRO B 118 -29.71 -14.38 10.69
C PRO B 118 -29.15 -14.02 9.33
N LEU B 119 -29.48 -14.81 8.32
CA LEU B 119 -29.10 -14.51 6.95
C LEU B 119 -29.83 -13.26 6.48
N GLY B 120 -29.08 -12.25 6.05
CA GLY B 120 -29.62 -10.98 5.65
C GLY B 120 -29.51 -9.89 6.70
N GLY B 121 -29.48 -10.26 7.98
CA GLY B 121 -29.31 -9.31 9.05
C GLY B 121 -30.53 -8.50 9.42
N ILE B 122 -31.72 -8.87 8.94
CA ILE B 122 -32.96 -8.17 9.26
C ILE B 122 -33.74 -9.00 10.25
N ILE B 123 -34.20 -8.37 11.34
CA ILE B 123 -34.99 -9.03 12.37
C ILE B 123 -36.21 -8.17 12.67
N ALA B 124 -37.37 -8.81 12.75
CA ALA B 124 -38.59 -8.16 13.21
C ALA B 124 -38.81 -8.54 14.66
N LYS B 125 -38.63 -7.57 15.56
CA LYS B 125 -38.71 -7.80 17.00
C LYS B 125 -40.04 -7.27 17.52
N ALA B 126 -40.83 -8.16 18.11
CA ALA B 126 -42.14 -7.78 18.62
C ALA B 126 -41.98 -6.91 19.86
N LYS B 127 -42.44 -5.66 19.77
CA LYS B 127 -42.37 -4.74 20.90
C LYS B 127 -43.35 -5.11 22.01
N THR B 128 -44.40 -5.87 21.69
CA THR B 128 -45.38 -6.29 22.68
C THR B 128 -46.13 -7.49 22.14
N LYS B 129 -46.82 -8.18 23.04
CA LYS B 129 -47.72 -9.26 22.63
C LYS B 129 -48.87 -8.68 21.80
N GLY B 130 -49.30 -9.45 20.80
CA GLY B 130 -50.32 -9.00 19.89
C GLY B 130 -49.81 -8.18 18.72
N ALA B 131 -48.53 -7.86 18.68
CA ALA B 131 -47.95 -7.21 17.52
C ALA B 131 -48.14 -8.09 16.29
N LYS B 132 -48.58 -7.47 15.19
CA LYS B 132 -49.03 -8.23 14.04
C LYS B 132 -48.26 -7.85 12.78
N ILE B 133 -48.20 -8.80 11.85
CA ILE B 133 -47.60 -8.60 10.53
C ILE B 133 -48.50 -9.29 9.52
N ASN B 134 -48.99 -8.54 8.54
CA ASN B 134 -49.77 -9.09 7.44
C ASN B 134 -48.87 -9.26 6.22
N LEU B 135 -48.95 -10.43 5.60
CA LEU B 135 -48.06 -10.78 4.50
C LEU B 135 -48.87 -11.38 3.36
N ASP B 136 -48.69 -10.83 2.17
CA ASP B 136 -49.35 -11.33 0.96
C ASP B 136 -48.35 -11.32 -0.18
N THR B 137 -48.69 -12.02 -1.26
CA THR B 137 -47.90 -12.03 -2.47
C THR B 137 -48.66 -11.36 -3.61
N THR B 138 -47.91 -10.76 -4.53
CA THR B 138 -48.51 -10.16 -5.71
C THR B 138 -48.83 -11.19 -6.79
N LEU B 139 -48.37 -12.42 -6.63
CA LEU B 139 -48.71 -13.48 -7.57
C LEU B 139 -50.17 -13.89 -7.38
N ASP B 140 -50.75 -14.44 -8.45
CA ASP B 140 -52.11 -14.97 -8.36
C ASP B 140 -52.16 -16.25 -7.55
N LYS B 141 -51.10 -17.06 -7.62
CA LYS B 141 -51.01 -18.27 -6.80
C LYS B 141 -50.76 -17.89 -5.35
N LYS B 142 -51.58 -18.45 -4.44
CA LYS B 142 -51.53 -18.08 -3.04
C LYS B 142 -51.16 -19.22 -2.10
N ASN B 143 -51.23 -20.48 -2.55
CA ASN B 143 -50.86 -21.61 -1.71
C ASN B 143 -49.36 -21.86 -1.83
N PHE B 144 -48.69 -21.98 -0.69
CA PHE B 144 -47.25 -22.10 -0.67
C PHE B 144 -46.80 -22.93 0.51
N LYS B 145 -45.61 -23.52 0.36
CA LYS B 145 -44.85 -24.04 1.49
C LYS B 145 -43.98 -22.91 2.03
N ILE B 146 -44.19 -22.54 3.29
CA ILE B 146 -43.55 -21.36 3.87
C ILE B 146 -42.76 -21.79 5.10
N GLY B 147 -41.46 -21.50 5.09
CA GLY B 147 -40.62 -21.73 6.25
C GLY B 147 -40.41 -20.45 7.02
N PHE B 148 -40.46 -20.55 8.34
CA PHE B 148 -40.33 -19.41 9.23
C PHE B 148 -39.10 -19.57 10.10
N LEU B 149 -38.24 -18.55 10.11
CA LEU B 149 -37.13 -18.48 11.05
C LEU B 149 -37.57 -17.59 12.22
N PHE B 150 -37.59 -18.15 13.42
CA PHE B 150 -38.09 -17.45 14.59
C PHE B 150 -37.16 -17.70 15.78
N LYS B 151 -37.39 -16.93 16.83
CA LYS B 151 -36.50 -16.88 17.99
C LYS B 151 -37.28 -16.26 19.14
N ALA B 152 -37.03 -16.76 20.35
CA ALA B 152 -37.82 -16.31 21.50
C ALA B 152 -37.02 -16.46 22.78
N LYS B 153 -37.35 -15.61 23.76
CA LYS B 153 -36.71 -15.68 25.08
C LYS B 153 -37.24 -16.84 25.91
N GLN B 154 -38.44 -17.33 25.62
CA GLN B 154 -39.04 -18.42 26.36
C GLN B 154 -39.45 -19.53 25.40
N ASN B 155 -39.50 -20.76 25.91
CA ASN B 155 -39.85 -21.92 25.11
C ASN B 155 -41.35 -22.08 24.92
N THR B 156 -42.15 -21.13 25.37
CA THR B 156 -43.57 -21.14 25.07
C THR B 156 -43.80 -20.74 23.62
N ASN B 157 -45.06 -20.68 23.21
CA ASN B 157 -45.40 -20.29 21.85
C ASN B 157 -44.87 -18.90 21.55
N ALA B 158 -44.08 -18.79 20.48
CA ALA B 158 -43.51 -17.51 20.10
C ALA B 158 -44.41 -16.71 19.17
N PHE B 159 -45.08 -17.39 18.23
CA PHE B 159 -45.94 -16.70 17.29
C PHE B 159 -47.16 -17.53 16.98
N SER B 160 -48.20 -16.86 16.51
CA SER B 160 -49.37 -17.50 15.95
C SER B 160 -49.50 -17.07 14.49
N ILE B 161 -50.08 -17.95 13.68
CA ILE B 161 -50.18 -17.73 12.25
C ILE B 161 -51.56 -18.17 11.78
N LYS B 162 -52.28 -17.25 11.13
CA LYS B 162 -53.58 -17.53 10.55
C LYS B 162 -53.54 -17.18 9.06
N ASP B 163 -53.66 -18.19 8.20
CA ASP B 163 -53.58 -17.97 6.77
C ASP B 163 -54.96 -17.60 6.20
N ALA B 164 -55.03 -17.42 4.88
CA ALA B 164 -56.22 -16.89 4.23
C ALA B 164 -57.43 -17.81 4.38
N LYS B 165 -57.22 -19.11 4.63
CA LYS B 165 -58.32 -20.05 4.84
C LYS B 165 -58.58 -20.31 6.33
N ASN B 166 -58.14 -19.40 7.20
CA ASN B 166 -58.42 -19.41 8.63
C ASN B 166 -57.85 -20.64 9.34
N GLN B 167 -56.86 -21.29 8.76
CA GLN B 167 -56.06 -22.26 9.49
C GLN B 167 -55.10 -21.52 10.42
N SER B 168 -54.91 -22.06 11.63
CA SER B 168 -54.09 -21.41 12.64
C SER B 168 -53.00 -22.35 13.13
N TYR B 169 -51.77 -21.83 13.20
CA TYR B 169 -50.63 -22.62 13.63
C TYR B 169 -49.80 -21.83 14.62
N GLU B 170 -48.91 -22.53 15.31
CA GLU B 170 -48.03 -21.91 16.29
C GLU B 170 -46.57 -22.08 15.86
N LEU B 171 -45.75 -21.11 16.23
CA LEU B 171 -44.30 -21.19 16.09
C LEU B 171 -43.72 -21.28 17.49
N ARG B 172 -43.15 -22.43 17.83
CA ARG B 172 -42.68 -22.70 19.19
C ARG B 172 -41.24 -23.19 19.16
N THR B 173 -40.39 -22.55 19.96
CA THR B 173 -38.99 -22.94 20.07
C THR B 173 -38.84 -24.09 21.07
N THR B 174 -37.75 -24.84 20.92
CA THR B 174 -37.34 -25.81 21.92
C THR B 174 -36.15 -25.35 22.74
N GLN B 175 -35.35 -24.42 22.22
CA GLN B 175 -34.30 -23.75 22.96
C GLN B 175 -34.56 -22.25 22.93
N ILE B 176 -34.22 -21.58 24.03
CA ILE B 176 -34.41 -20.14 24.12
C ILE B 176 -33.23 -19.43 23.47
N ASN B 177 -33.50 -18.23 22.95
CA ASN B 177 -32.48 -17.35 22.36
C ASN B 177 -31.69 -18.05 21.25
N LYS B 178 -32.34 -18.96 20.54
CA LYS B 178 -31.75 -19.66 19.41
C LYS B 178 -32.68 -19.54 18.21
N TRP B 179 -32.10 -19.24 17.05
CA TRP B 179 -32.89 -19.18 15.83
C TRP B 179 -33.41 -20.57 15.48
N SER B 180 -34.73 -20.69 15.36
CA SER B 180 -35.39 -21.94 15.04
C SER B 180 -36.13 -21.81 13.73
N TYR B 181 -36.59 -22.94 13.21
CA TYR B 181 -37.17 -23.00 11.87
C TYR B 181 -38.38 -23.91 11.85
N LYS B 182 -39.41 -23.50 11.12
CA LYS B 182 -40.64 -24.27 11.02
C LYS B 182 -41.26 -24.04 9.65
N GLU B 183 -41.71 -25.13 9.02
CA GLU B 183 -42.31 -25.08 7.69
C GLU B 183 -43.80 -25.36 7.79
N LEU B 184 -44.60 -24.59 7.04
CA LEU B 184 -46.05 -24.73 7.06
C LEU B 184 -46.62 -24.51 5.67
N GLU B 185 -47.44 -25.46 5.21
CA GLU B 185 -48.18 -25.30 3.96
C GLU B 185 -49.36 -24.37 4.22
N LEU B 186 -49.31 -23.17 3.65
CA LEU B 186 -50.26 -22.11 3.98
C LEU B 186 -50.82 -21.48 2.72
N ASP B 187 -51.80 -20.61 2.91
CA ASP B 187 -52.43 -19.86 1.82
C ASP B 187 -52.37 -18.37 2.15
N LEU B 188 -51.71 -17.60 1.28
CA LEU B 188 -51.58 -16.17 1.47
C LEU B 188 -52.88 -15.46 1.09
N PRO B 189 -53.20 -14.32 1.74
CA PRO B 189 -52.42 -13.64 2.78
C PRO B 189 -52.54 -14.28 4.18
N LEU B 190 -51.55 -14.03 5.03
CA LEU B 190 -51.55 -14.54 6.39
C LEU B 190 -51.26 -13.40 7.37
N GLN B 191 -51.56 -13.64 8.63
CA GLN B 191 -51.29 -12.68 9.71
C GLN B 191 -50.48 -13.38 10.78
N ILE B 192 -49.28 -12.85 11.05
CA ILE B 192 -48.45 -13.33 12.14
C ILE B 192 -48.72 -12.48 13.37
N SER B 193 -48.97 -13.13 14.50
CA SER B 193 -49.28 -12.43 15.75
C SER B 193 -48.32 -12.89 16.83
N ALA B 194 -47.72 -11.93 17.53
CA ALA B 194 -46.74 -12.24 18.57
C ALA B 194 -47.44 -12.72 19.82
N LEU B 195 -47.09 -13.92 20.27
CA LEU B 195 -47.56 -14.44 21.55
C LEU B 195 -46.57 -14.18 22.68
N GLN B 196 -45.39 -13.66 22.35
CA GLN B 196 -44.36 -13.28 23.32
C GLN B 196 -43.85 -11.89 22.97
N LYS B 197 -43.65 -11.06 23.97
CA LYS B 197 -42.90 -9.83 23.77
C LYS B 197 -41.44 -10.17 23.51
N ASP B 198 -40.79 -9.38 22.65
CA ASP B 198 -39.42 -9.56 22.20
C ASP B 198 -39.22 -10.78 21.33
N ALA B 199 -40.30 -11.42 20.87
CA ALA B 199 -40.18 -12.52 19.93
C ALA B 199 -39.72 -11.99 18.57
N GLU B 200 -38.93 -12.80 17.87
CA GLU B 200 -38.21 -12.33 16.69
C GLU B 200 -38.52 -13.22 15.49
N LEU B 201 -38.55 -12.59 14.30
CA LEU B 201 -38.64 -13.28 13.03
C LEU B 201 -37.44 -12.91 12.18
N GLY B 202 -36.89 -13.89 11.47
CA GLY B 202 -35.65 -13.69 10.75
C GLY B 202 -35.75 -13.82 9.24
N GLY B 203 -36.91 -14.20 8.74
CA GLY B 203 -37.11 -14.33 7.31
C GLY B 203 -38.08 -15.45 6.98
N TYR B 204 -38.48 -15.47 5.72
CA TYR B 204 -39.39 -16.48 5.20
C TYR B 204 -38.78 -17.14 3.98
N PHE B 205 -39.10 -18.42 3.81
CA PHE B 205 -38.72 -19.20 2.62
C PHE B 205 -40.02 -19.67 1.98
N ILE B 206 -40.42 -19.00 0.89
CA ILE B 206 -41.72 -19.19 0.28
C ILE B 206 -41.49 -19.91 -1.05
N THR B 207 -41.81 -21.20 -1.10
CA THR B 207 -41.56 -22.03 -2.27
C THR B 207 -42.77 -22.89 -2.58
N ASN B 208 -42.77 -23.47 -3.77
CA ASN B 208 -43.76 -24.45 -4.15
C ASN B 208 -43.32 -25.83 -3.68
N LYS B 209 -44.22 -26.81 -3.80
CA LYS B 209 -43.88 -28.19 -3.44
C LYS B 209 -42.69 -28.69 -4.26
N ASP B 210 -42.71 -28.44 -5.56
CA ASP B 210 -41.61 -28.77 -6.45
C ASP B 210 -41.60 -27.76 -7.59
N ASN B 211 -40.62 -27.90 -8.47
CA ASN B 211 -40.49 -27.06 -9.66
C ASN B 211 -40.52 -25.57 -9.29
N ASN B 212 -39.42 -25.13 -8.68
CA ASN B 212 -39.31 -23.78 -8.16
C ASN B 212 -38.44 -22.95 -9.10
N VAL B 213 -39.04 -21.95 -9.74
CA VAL B 213 -38.33 -20.96 -10.53
C VAL B 213 -38.51 -19.61 -9.84
N PHE B 214 -37.41 -19.03 -9.37
CA PHE B 214 -37.51 -17.81 -8.59
C PHE B 214 -36.22 -17.01 -8.70
N LEU B 215 -36.33 -15.73 -8.34
CA LEU B 215 -35.19 -14.85 -8.11
C LEU B 215 -35.48 -14.08 -6.83
N ASP B 216 -34.82 -14.46 -5.73
CA ASP B 216 -34.93 -13.74 -4.49
C ASP B 216 -33.72 -12.85 -4.29
N THR B 217 -33.82 -11.93 -3.34
CA THR B 217 -32.77 -10.96 -3.08
C THR B 217 -32.45 -10.89 -1.60
N ILE B 218 -31.17 -10.67 -1.30
CA ILE B 218 -30.72 -10.41 0.06
C ILE B 218 -29.82 -9.18 0.01
N ALA B 219 -30.43 -8.02 -0.19
CA ALA B 219 -29.72 -6.76 -0.36
C ALA B 219 -30.10 -5.78 0.73
N ILE B 220 -29.12 -5.01 1.20
CA ILE B 220 -29.31 -4.04 2.28
C ILE B 220 -28.75 -2.70 1.82
N ASN B 221 -29.54 -1.64 1.96
CA ASN B 221 -29.07 -0.30 1.66
C ASN B 221 -27.81 0.00 2.48
N GLY B 222 -26.77 0.47 1.79
CA GLY B 222 -25.54 0.84 2.48
C GLY B 222 -24.73 -0.32 3.01
N ALA B 223 -24.90 -1.52 2.45
CA ALA B 223 -24.19 -2.70 2.93
C ALA B 223 -22.88 -2.87 2.19
N LYS B 224 -21.81 -3.11 2.94
CA LYS B 224 -20.52 -3.38 2.35
C LYS B 224 -20.41 -4.85 1.95
N SER B 225 -19.31 -5.19 1.27
CA SER B 225 -19.12 -6.55 0.79
C SER B 225 -19.04 -7.56 1.93
N ASP B 226 -18.50 -7.15 3.08
CA ASP B 226 -18.31 -8.05 4.21
C ASP B 226 -19.38 -7.89 5.29
N LEU B 227 -20.60 -7.52 4.90
CA LEU B 227 -21.68 -7.47 5.87
C LEU B 227 -22.03 -8.86 6.38
N TRP B 228 -21.81 -9.88 5.56
CA TRP B 228 -22.12 -11.25 5.94
C TRP B 228 -21.37 -11.69 7.20
N LEU B 229 -20.20 -11.08 7.45
CA LEU B 229 -19.46 -11.37 8.68
C LEU B 229 -20.25 -11.02 9.92
N SER B 230 -21.20 -10.08 9.82
CA SER B 230 -21.98 -9.66 10.97
C SER B 230 -22.97 -10.72 11.43
N TRP B 231 -23.29 -11.71 10.59
CA TRP B 231 -24.38 -12.62 10.86
C TRP B 231 -23.90 -13.88 11.59
N ASN B 232 -24.86 -14.59 12.18
CA ASN B 232 -24.59 -15.86 12.85
C ASN B 232 -24.19 -16.90 11.80
N GLN B 233 -22.94 -17.35 11.84
CA GLN B 233 -22.40 -18.17 10.77
C GLN B 233 -23.08 -19.53 10.69
N THR B 234 -23.32 -20.17 11.83
CA THR B 234 -23.96 -21.48 11.82
C THR B 234 -25.43 -21.37 11.37
N VAL B 235 -26.10 -20.30 11.78
CA VAL B 235 -27.46 -20.05 11.29
C VAL B 235 -27.45 -19.68 9.82
N VAL B 236 -26.44 -18.91 9.40
CA VAL B 236 -26.29 -18.58 7.98
C VAL B 236 -26.14 -19.85 7.15
N LYS B 237 -25.31 -20.79 7.64
CA LYS B 237 -25.10 -22.04 6.91
C LYS B 237 -26.35 -22.90 6.89
N LYS B 238 -27.14 -22.87 7.97
CA LYS B 238 -28.41 -23.60 7.97
C LYS B 238 -29.37 -23.03 6.94
N GLU B 239 -29.45 -21.70 6.84
CA GLU B 239 -30.39 -21.10 5.90
C GLU B 239 -29.89 -21.20 4.47
N LEU B 240 -28.58 -21.29 4.27
CA LEU B 240 -28.04 -21.52 2.93
C LEU B 240 -28.46 -22.89 2.41
N GLY B 241 -28.46 -23.90 3.28
CA GLY B 241 -28.87 -25.23 2.89
C GLY B 241 -30.36 -25.44 2.79
N LEU B 242 -31.16 -24.49 3.28
CA LEU B 242 -32.62 -24.63 3.19
C LEU B 242 -33.11 -24.44 1.77
N LEU B 243 -32.40 -23.66 0.96
CA LEU B 243 -32.83 -23.35 -0.39
C LEU B 243 -31.60 -23.32 -1.30
N HIS B 244 -31.60 -24.19 -2.31
CA HIS B 244 -30.48 -24.26 -3.24
C HIS B 244 -30.62 -23.20 -4.33
N ASN B 245 -29.51 -22.56 -4.65
CA ASN B 245 -29.46 -21.55 -5.71
C ASN B 245 -28.57 -22.04 -6.83
N ASP B 246 -29.06 -21.92 -8.07
CA ASP B 246 -28.28 -22.31 -9.23
C ASP B 246 -27.48 -21.15 -9.80
N LEU B 247 -27.93 -19.91 -9.59
CA LEU B 247 -27.22 -18.72 -10.01
C LEU B 247 -27.21 -17.74 -8.85
N ILE B 248 -26.02 -17.35 -8.41
CA ILE B 248 -25.85 -16.44 -7.28
C ILE B 248 -25.08 -15.22 -7.74
N ILE B 249 -25.59 -14.04 -7.41
CA ILE B 249 -25.01 -12.77 -7.83
C ILE B 249 -24.63 -11.98 -6.59
N LEU B 250 -23.38 -11.51 -6.54
CA LEU B 250 -22.87 -10.68 -5.44
C LEU B 250 -22.56 -9.30 -5.98
N ALA B 251 -23.41 -8.33 -5.65
CA ALA B 251 -23.30 -6.96 -6.17
C ALA B 251 -22.94 -6.03 -5.03
N TYR B 252 -21.66 -6.04 -4.64
CA TYR B 252 -21.14 -5.19 -3.59
C TYR B 252 -20.02 -4.31 -4.14
N GLY B 253 -19.49 -3.43 -3.29
CA GLY B 253 -18.35 -2.62 -3.66
C GLY B 253 -18.52 -1.14 -3.43
N SER B 254 -19.76 -0.64 -3.58
CA SER B 254 -20.00 0.79 -3.47
C SER B 254 -19.68 1.30 -2.07
N ASN B 255 -20.29 0.69 -1.05
CA ASN B 255 -20.12 1.16 0.32
C ASN B 255 -18.76 0.82 0.91
N ASP B 256 -18.04 -0.16 0.33
CA ASP B 256 -16.66 -0.39 0.73
C ASP B 256 -15.78 0.81 0.38
N ALA B 257 -16.15 1.55 -0.67
CA ALA B 257 -15.40 2.74 -1.06
C ALA B 257 -15.85 4.00 -0.35
N LEU B 258 -17.09 4.03 0.15
CA LEU B 258 -17.63 5.24 0.77
C LEU B 258 -17.45 5.27 2.27
N PHE B 259 -17.35 4.10 2.92
CA PHE B 259 -17.14 4.02 4.36
C PHE B 259 -15.76 3.42 4.63
N LYS B 260 -15.32 3.56 5.87
CA LYS B 260 -13.95 3.23 6.22
C LYS B 260 -13.84 1.80 6.75
N GLY B 261 -12.60 1.31 6.75
CA GLY B 261 -12.31 -0.08 7.02
C GLY B 261 -11.84 -0.88 5.82
N PHE B 262 -11.62 -0.23 4.68
CA PHE B 262 -11.22 -0.94 3.47
C PHE B 262 -9.72 -1.20 3.45
N GLU B 263 -9.36 -2.46 3.27
CA GLU B 263 -8.00 -2.86 2.92
C GLU B 263 -8.12 -3.89 1.80
N LYS B 264 -7.21 -3.80 0.82
CA LYS B 264 -7.42 -4.55 -0.42
C LYS B 264 -7.42 -6.06 -0.17
N GLN B 265 -6.40 -6.58 0.50
CA GLN B 265 -6.35 -8.01 0.76
C GLN B 265 -7.46 -8.44 1.72
N LYS B 266 -7.75 -7.60 2.73
CA LYS B 266 -8.86 -7.88 3.63
C LYS B 266 -10.18 -7.91 2.86
N PHE B 267 -10.31 -7.04 1.85
CA PHE B 267 -11.49 -7.06 0.99
C PHE B 267 -11.56 -8.37 0.22
N LYS B 268 -10.43 -8.82 -0.34
CA LYS B 268 -10.43 -10.02 -1.15
C LYS B 268 -10.63 -11.28 -0.30
N ASN B 269 -9.96 -11.34 0.86
CA ASN B 269 -10.01 -12.55 1.67
C ASN B 269 -11.43 -12.82 2.17
N ASN B 270 -12.12 -11.79 2.65
CA ASN B 270 -13.48 -11.99 3.12
C ASN B 270 -14.42 -12.35 1.97
N LEU B 271 -14.19 -11.76 0.79
CA LEU B 271 -15.06 -12.06 -0.35
C LEU B 271 -14.80 -13.46 -0.89
N LYS B 272 -13.55 -13.91 -0.86
CA LYS B 272 -13.25 -15.25 -1.35
C LYS B 272 -13.77 -16.32 -0.38
N LYS B 273 -13.85 -16.00 0.91
CA LYS B 273 -14.48 -16.91 1.86
C LYS B 273 -15.98 -17.02 1.57
N TRP B 274 -16.64 -15.88 1.39
CA TRP B 274 -18.07 -15.88 1.10
C TRP B 274 -18.38 -16.65 -0.19
N ILE B 275 -17.55 -16.49 -1.21
CA ILE B 275 -17.74 -17.23 -2.45
C ILE B 275 -17.52 -18.72 -2.21
N SER B 276 -16.49 -19.07 -1.46
CA SER B 276 -16.23 -20.47 -1.14
C SER B 276 -17.40 -21.10 -0.41
N ILE B 277 -17.99 -20.35 0.54
CA ILE B 277 -19.13 -20.88 1.29
C ILE B 277 -20.34 -21.06 0.38
N LEU B 278 -20.58 -20.11 -0.52
CA LEU B 278 -21.76 -20.17 -1.38
C LEU B 278 -21.64 -21.28 -2.42
N LYS B 279 -20.45 -21.50 -2.96
CA LYS B 279 -20.25 -22.59 -3.91
C LYS B 279 -20.38 -23.93 -3.21
N THR B 280 -19.85 -24.04 -1.99
CA THR B 280 -19.93 -25.30 -1.26
C THR B 280 -21.36 -25.61 -0.84
N TYR B 281 -22.13 -24.58 -0.50
CA TYR B 281 -23.50 -24.76 -0.02
C TYR B 281 -24.52 -24.68 -1.14
N ASN B 282 -24.09 -24.46 -2.38
CA ASN B 282 -24.95 -24.51 -3.57
C ASN B 282 -24.16 -25.26 -4.64
N LYS B 283 -24.26 -26.59 -4.62
CA LYS B 283 -23.45 -27.42 -5.50
C LYS B 283 -23.76 -27.12 -6.97
N ASN B 284 -22.70 -26.90 -7.75
CA ASN B 284 -22.74 -26.60 -9.18
C ASN B 284 -23.23 -25.20 -9.49
N ALA B 285 -23.34 -24.32 -8.48
CA ALA B 285 -23.87 -22.98 -8.72
C ALA B 285 -22.89 -22.14 -9.53
N VAL B 286 -23.44 -21.24 -10.34
CA VAL B 286 -22.67 -20.26 -11.10
C VAL B 286 -22.65 -18.96 -10.32
N ILE B 287 -21.46 -18.41 -10.13
CA ILE B 287 -21.28 -17.17 -9.37
C ILE B 287 -21.04 -16.03 -10.34
N MET B 288 -21.67 -14.89 -10.08
CA MET B 288 -21.47 -13.67 -10.87
C MET B 288 -21.20 -12.51 -9.92
N LEU B 289 -20.08 -11.84 -10.11
CA LEU B 289 -19.81 -10.60 -9.42
C LEU B 289 -20.33 -9.44 -10.24
N ILE B 290 -20.81 -8.41 -9.57
CA ILE B 290 -21.28 -7.19 -10.22
C ILE B 290 -20.48 -6.03 -9.64
N SER B 291 -19.63 -5.45 -10.48
CA SER B 291 -18.82 -4.31 -10.06
C SER B 291 -19.68 -3.06 -9.99
N PRO B 292 -19.48 -2.21 -8.99
CA PRO B 292 -20.41 -1.10 -8.74
C PRO B 292 -20.40 -0.09 -9.87
N PRO B 293 -21.43 0.75 -9.97
CA PRO B 293 -21.36 1.89 -10.87
C PRO B 293 -20.33 2.88 -10.38
N THR B 294 -19.99 3.85 -11.24
CA THR B 294 -18.97 4.85 -10.93
C THR B 294 -19.24 5.51 -9.58
N VAL B 295 -18.47 5.12 -8.56
CA VAL B 295 -18.70 5.59 -7.20
C VAL B 295 -18.10 6.98 -7.04
N VAL B 296 -18.92 7.91 -6.55
CA VAL B 296 -18.47 9.28 -6.30
C VAL B 296 -18.66 9.60 -4.82
N GLN B 297 -18.06 10.68 -4.36
CA GLN B 297 -18.13 11.06 -2.92
C GLN B 297 -18.35 12.57 -2.81
N LYS B 298 -19.01 13.03 -1.77
CA LYS B 298 -19.19 14.50 -1.63
C LYS B 298 -17.86 15.08 -1.19
N GLN B 299 -17.29 16.02 -1.96
CA GLN B 299 -15.98 16.67 -1.66
C GLN B 299 -16.22 17.99 -0.92
N GLY B 300 -16.85 18.93 -1.60
CA GLY B 300 -17.28 20.25 -1.07
C GLY B 300 -18.75 20.42 -1.36
N LYS B 301 -19.12 21.27 -2.32
CA LYS B 301 -20.52 21.35 -2.79
C LYS B 301 -20.61 20.49 -4.05
N ASN B 302 -19.61 19.62 -4.29
CA ASN B 302 -19.57 18.81 -5.49
C ASN B 302 -19.48 17.32 -5.17
N TYR B 303 -19.24 16.51 -6.20
CA TYR B 303 -18.93 15.09 -6.05
C TYR B 303 -17.64 14.79 -6.78
N LYS B 304 -16.78 14.00 -6.14
CA LYS B 304 -15.56 13.51 -6.76
C LYS B 304 -15.51 11.99 -6.60
N LEU B 305 -14.67 11.36 -7.42
CA LEU B 305 -14.55 9.91 -7.39
C LEU B 305 -13.98 9.44 -6.06
N ALA B 306 -14.43 8.27 -5.63
CA ALA B 306 -13.85 7.64 -4.44
C ALA B 306 -12.49 7.04 -4.79
N PRO B 307 -11.46 7.29 -3.97
CA PRO B 307 -10.12 6.78 -4.31
C PRO B 307 -10.04 5.27 -4.38
N ASP B 308 -10.83 4.55 -3.59
CA ASP B 308 -10.76 3.09 -3.56
C ASP B 308 -11.74 2.42 -4.52
N PHE B 309 -12.52 3.19 -5.27
CA PHE B 309 -13.43 2.57 -6.24
C PHE B 309 -12.67 1.75 -7.26
N PHE B 310 -11.57 2.29 -7.77
CA PHE B 310 -10.78 1.58 -8.78
C PHE B 310 -9.96 0.46 -8.17
N THR B 311 -9.60 0.57 -6.89
CA THR B 311 -8.96 -0.55 -6.21
C THR B 311 -9.96 -1.66 -5.91
N ILE B 312 -11.18 -1.30 -5.54
CA ILE B 312 -12.23 -2.29 -5.32
C ILE B 312 -12.57 -2.98 -6.64
N ARG B 313 -12.72 -2.19 -7.70
CA ARG B 313 -12.93 -2.75 -9.04
C ARG B 313 -11.79 -3.69 -9.42
N LYS B 314 -10.58 -3.36 -9.00
CA LYS B 314 -9.44 -4.26 -9.20
C LYS B 314 -9.68 -5.60 -8.52
N ALA B 315 -9.93 -5.57 -7.21
CA ALA B 315 -10.08 -6.79 -6.44
C ALA B 315 -11.19 -7.68 -7.00
N LEU B 316 -12.27 -7.07 -7.49
CA LEU B 316 -13.40 -7.84 -8.01
C LEU B 316 -12.98 -8.65 -9.23
N TYR B 317 -12.23 -8.04 -10.16
CA TYR B 317 -11.76 -8.76 -11.32
C TYR B 317 -10.78 -9.86 -10.92
N GLU B 318 -9.90 -9.59 -9.96
CA GLU B 318 -8.98 -10.60 -9.48
C GLU B 318 -9.72 -11.75 -8.82
N VAL B 319 -10.65 -11.43 -7.91
CA VAL B 319 -11.41 -12.47 -7.23
C VAL B 319 -12.25 -13.27 -8.22
N ALA B 320 -12.80 -12.59 -9.22
CA ALA B 320 -13.53 -13.30 -10.28
C ALA B 320 -12.61 -14.28 -11.01
N LYS B 321 -11.35 -13.90 -11.20
CA LYS B 321 -10.39 -14.79 -11.84
C LYS B 321 -9.98 -15.92 -10.91
N GLU B 322 -9.71 -15.60 -9.64
CA GLU B 322 -9.25 -16.61 -8.70
C GLU B 322 -10.33 -17.63 -8.36
N GLU B 323 -11.58 -17.17 -8.22
CA GLU B 323 -12.68 -18.04 -7.86
C GLU B 323 -13.49 -18.52 -9.06
N LYS B 324 -13.11 -18.10 -10.27
CA LYS B 324 -13.77 -18.53 -11.50
C LYS B 324 -15.26 -18.22 -11.47
N THR B 325 -15.56 -16.93 -11.48
CA THR B 325 -16.92 -16.41 -11.49
C THR B 325 -17.13 -15.54 -12.73
N LEU B 326 -18.39 -15.20 -12.96
CA LEU B 326 -18.72 -14.12 -13.88
C LEU B 326 -18.52 -12.79 -13.18
N ILE B 327 -18.21 -11.75 -13.95
CA ILE B 327 -18.17 -10.39 -13.43
C ILE B 327 -18.82 -9.46 -14.44
N PHE B 328 -19.83 -8.71 -13.99
CA PHE B 328 -20.50 -7.71 -14.79
C PHE B 328 -20.12 -6.34 -14.26
N ASP B 329 -19.46 -5.54 -15.10
CA ASP B 329 -18.94 -4.24 -14.69
C ASP B 329 -19.95 -3.16 -15.06
N MET B 330 -20.62 -2.61 -14.04
CA MET B 330 -21.55 -1.51 -14.27
C MET B 330 -20.81 -0.25 -14.73
N HIS B 331 -19.71 0.08 -14.05
CA HIS B 331 -18.95 1.29 -14.39
C HIS B 331 -18.41 1.23 -15.81
N GLN B 332 -18.04 0.04 -16.29
CA GLN B 332 -17.54 -0.08 -17.66
C GLN B 332 -18.63 0.22 -18.67
N PHE B 333 -19.85 -0.28 -18.44
CA PHE B 333 -20.97 0.05 -19.31
C PHE B 333 -21.31 1.54 -19.22
N MET B 334 -21.15 2.13 -18.03
CA MET B 334 -21.37 3.57 -17.88
C MET B 334 -20.36 4.36 -18.69
N GLN B 335 -19.08 3.98 -18.62
CA GLN B 335 -18.05 4.68 -19.38
C GLN B 335 -18.22 4.46 -20.88
N ASP B 336 -18.63 3.24 -21.28
CA ASP B 336 -18.82 2.97 -22.70
C ASP B 336 -19.99 3.78 -23.27
N SER B 337 -20.98 4.11 -22.45
CA SER B 337 -22.16 4.83 -22.88
C SER B 337 -22.13 6.30 -22.50
N GLY B 338 -20.93 6.88 -22.35
CA GLY B 338 -20.76 8.31 -22.17
C GLY B 338 -20.24 8.73 -20.82
N GLY B 339 -20.30 7.86 -19.81
CA GLY B 339 -19.88 8.21 -18.48
C GLY B 339 -21.05 8.62 -17.59
N LYS B 340 -20.73 8.80 -16.30
CA LYS B 340 -21.76 9.12 -15.33
C LYS B 340 -22.39 10.49 -15.57
N ASN B 341 -21.60 11.46 -16.04
CA ASN B 341 -22.13 12.80 -16.27
C ASN B 341 -23.20 12.81 -17.35
N LYS B 342 -22.97 12.05 -18.43
CA LYS B 342 -24.01 11.90 -19.45
C LYS B 342 -25.21 11.14 -18.90
N TRP B 343 -24.96 10.13 -18.07
CA TRP B 343 -26.05 9.42 -17.40
C TRP B 343 -26.81 10.35 -16.45
N ILE B 344 -26.12 11.35 -15.90
CA ILE B 344 -26.78 12.31 -15.01
C ILE B 344 -27.69 13.24 -15.82
N GLU B 345 -27.21 13.71 -16.97
CA GLU B 345 -28.00 14.63 -17.79
C GLU B 345 -29.31 14.00 -18.22
N GLN B 346 -29.29 12.71 -18.54
CA GLN B 346 -30.48 12.00 -19.01
C GLN B 346 -31.29 11.38 -17.88
N LYS B 347 -30.99 11.73 -16.64
CA LYS B 347 -31.67 11.19 -15.45
C LYS B 347 -31.60 9.66 -15.39
N LEU B 348 -30.61 9.06 -16.05
CA LEU B 348 -30.28 7.67 -15.81
C LEU B 348 -29.47 7.50 -14.53
N SER B 349 -28.84 8.56 -14.06
CA SER B 349 -28.05 8.55 -12.85
C SER B 349 -28.34 9.80 -12.04
N LEU B 350 -28.11 9.70 -10.74
CA LEU B 350 -28.16 10.87 -9.88
C LEU B 350 -26.73 11.40 -9.71
N ASN B 351 -26.59 12.49 -8.95
CA ASN B 351 -25.29 13.10 -8.79
C ASN B 351 -24.42 12.37 -7.77
N ASP B 352 -25.01 11.56 -6.89
CA ASP B 352 -24.24 10.70 -6.00
C ASP B 352 -24.14 9.29 -6.61
N VAL B 353 -23.83 8.31 -5.77
CA VAL B 353 -23.57 6.95 -6.27
C VAL B 353 -24.82 6.31 -6.86
N HIS B 354 -26.01 6.80 -6.53
CA HIS B 354 -27.24 6.11 -6.89
C HIS B 354 -27.65 6.40 -8.33
N LEU B 355 -28.33 5.44 -8.93
CA LEU B 355 -28.97 5.60 -10.23
C LEU B 355 -30.47 5.76 -10.05
N THR B 356 -31.15 6.04 -11.15
CA THR B 356 -32.61 6.05 -11.16
C THR B 356 -33.12 4.68 -11.60
N ILE B 357 -34.45 4.52 -11.59
CA ILE B 357 -35.05 3.28 -12.04
C ILE B 357 -34.71 3.02 -13.51
N LYS B 358 -34.70 4.08 -14.32
CA LYS B 358 -34.34 3.94 -15.72
C LYS B 358 -32.89 3.49 -15.87
N GLY B 359 -32.01 3.97 -14.99
CA GLY B 359 -30.62 3.53 -15.04
C GLY B 359 -30.45 2.09 -14.58
N TYR B 360 -31.15 1.71 -13.51
CA TYR B 360 -31.05 0.35 -13.02
C TYR B 360 -31.64 -0.66 -14.00
N GLU B 361 -32.66 -0.27 -14.74
CA GLU B 361 -33.24 -1.16 -15.74
C GLU B 361 -32.40 -1.21 -17.01
N LEU B 362 -31.74 -0.10 -17.37
CA LEU B 362 -30.78 -0.14 -18.47
C LEU B 362 -29.57 -0.99 -18.11
N MET B 363 -29.16 -0.95 -16.83
CA MET B 363 -28.09 -1.83 -16.37
C MET B 363 -28.51 -3.29 -16.47
N ALA B 364 -29.76 -3.59 -16.11
CA ALA B 364 -30.21 -4.98 -16.11
C ALA B 364 -30.37 -5.52 -17.53
N LYS B 365 -30.93 -4.71 -18.44
CA LYS B 365 -31.08 -5.15 -19.82
C LYS B 365 -29.74 -5.25 -20.53
N LYS B 366 -28.74 -4.49 -20.08
CA LYS B 366 -27.39 -4.65 -20.63
C LYS B 366 -26.78 -5.98 -20.20
N LEU B 367 -26.96 -6.35 -18.93
CA LEU B 367 -26.49 -7.65 -18.46
C LEU B 367 -27.21 -8.79 -19.18
N LEU B 368 -28.53 -8.63 -19.38
CA LEU B 368 -29.28 -9.65 -20.11
C LEU B 368 -28.82 -9.78 -21.55
N GLU B 369 -28.42 -8.66 -22.18
CA GLU B 369 -27.89 -8.72 -23.53
C GLU B 369 -26.52 -9.37 -23.57
N ASP B 370 -25.63 -8.95 -22.67
CA ASP B 370 -24.28 -9.52 -22.64
C ASP B 370 -24.31 -11.00 -22.23
N LEU B 371 -25.29 -11.40 -21.43
CA LEU B 371 -25.39 -12.79 -21.01
C LEU B 371 -25.71 -13.73 -22.17
N LYS B 372 -26.31 -13.22 -23.25
CA LYS B 372 -26.67 -14.05 -24.38
C LYS B 372 -25.45 -14.52 -25.17
N ASN B 373 -24.32 -13.82 -25.07
CA ASN B 373 -23.13 -14.24 -25.79
C ASN B 373 -22.57 -15.55 -25.26
N ILE B 374 -22.75 -15.81 -23.97
CA ILE B 374 -22.15 -16.98 -23.33
C ILE B 374 -23.20 -18.02 -22.90
N ILE B 375 -24.46 -17.63 -22.74
CA ILE B 375 -25.51 -18.54 -22.28
C ILE B 375 -26.78 -18.22 -23.04
N ASP B 376 -27.43 -19.26 -23.57
CA ASP B 376 -28.68 -19.10 -24.29
C ASP B 376 -29.86 -19.30 -23.36
N TYR B 377 -30.84 -18.41 -23.48
CA TYR B 377 -32.05 -18.48 -22.67
C TYR B 377 -33.24 -17.84 -23.38
N ASP C 13 1.43 12.15 -13.16
CA ASP C 13 0.18 11.62 -12.64
C ASP C 13 -0.80 11.33 -13.77
N THR C 14 -0.53 11.88 -14.97
CA THR C 14 -1.49 11.75 -16.06
C THR C 14 -1.67 10.29 -16.47
N ILE C 15 -0.56 9.56 -16.68
CA ILE C 15 -0.65 8.14 -16.99
C ILE C 15 -0.91 7.34 -15.72
N ASP C 16 -0.41 7.84 -14.57
CA ASP C 16 -0.75 7.22 -13.29
C ASP C 16 -2.25 7.18 -13.09
N SER C 17 -2.94 8.30 -13.33
CA SER C 17 -4.40 8.31 -13.30
C SER C 17 -4.97 7.32 -14.30
N ILE C 18 -4.49 7.38 -15.55
CA ILE C 18 -4.95 6.44 -16.58
C ILE C 18 -4.76 5.01 -16.11
N LEU C 19 -3.61 4.71 -15.48
CA LEU C 19 -3.40 3.38 -14.94
C LEU C 19 -4.28 3.13 -13.72
N ASN C 20 -4.61 4.18 -12.97
CA ASN C 20 -5.49 4.01 -11.82
C ASN C 20 -6.92 3.74 -12.24
N GLN C 21 -7.38 4.31 -13.35
CA GLN C 21 -8.73 4.02 -13.81
C GLN C 21 -8.81 2.71 -14.59
N ASN C 22 -7.72 1.95 -14.66
CA ASN C 22 -7.72 0.61 -15.26
C ASN C 22 -6.76 -0.28 -14.46
N LYS C 23 -6.85 -0.19 -13.14
CA LYS C 23 -6.07 -1.06 -12.26
C LYS C 23 -6.59 -2.48 -12.29
N ASN C 24 -6.47 -3.16 -13.42
CA ASN C 24 -7.01 -4.51 -13.50
C ASN C 24 -5.98 -5.55 -13.05
N HIS C 25 -5.90 -6.66 -13.77
CA HIS C 25 -5.03 -7.76 -13.39
C HIS C 25 -3.57 -7.35 -13.46
N SER C 26 -2.72 -8.15 -12.83
CA SER C 26 -1.30 -8.09 -13.09
C SER C 26 -0.99 -8.86 -14.37
N ALA C 27 -0.15 -8.27 -15.21
CA ALA C 27 0.32 -8.92 -16.43
C ALA C 27 1.71 -9.52 -16.25
N LEU C 28 2.18 -9.63 -15.01
CA LEU C 28 3.54 -10.06 -14.70
C LEU C 28 3.49 -11.39 -13.97
N THR C 29 4.04 -12.43 -14.59
CA THR C 29 4.14 -13.76 -13.99
C THR C 29 5.60 -14.02 -13.63
N SER C 30 5.82 -14.72 -12.52
CA SER C 30 7.14 -15.00 -12.00
C SER C 30 7.40 -16.50 -12.01
N TYR C 31 8.52 -16.91 -12.61
CA TYR C 31 9.04 -18.25 -12.46
C TYR C 31 10.44 -18.24 -11.87
N VAL C 32 10.91 -17.05 -11.44
CA VAL C 32 12.22 -16.94 -10.83
C VAL C 32 12.15 -17.44 -9.40
N SER C 33 13.29 -17.89 -8.89
CA SER C 33 13.39 -18.16 -7.46
C SER C 33 12.97 -16.92 -6.67
N LYS C 34 12.65 -17.14 -5.40
CA LYS C 34 12.60 -16.04 -4.44
C LYS C 34 13.98 -15.74 -3.88
N LYS C 35 14.97 -16.60 -4.11
CA LYS C 35 16.35 -16.29 -3.75
C LYS C 35 16.95 -15.25 -4.68
N ASP C 36 16.71 -15.38 -6.00
CA ASP C 36 17.23 -14.40 -6.95
C ASP C 36 16.46 -13.10 -6.92
N LEU C 37 15.15 -13.16 -6.66
CA LEU C 37 14.37 -11.94 -6.51
C LEU C 37 14.86 -11.12 -5.31
N LYS C 38 15.20 -11.81 -4.21
CA LYS C 38 15.66 -11.10 -3.02
C LYS C 38 17.07 -10.53 -3.22
N ASN C 39 17.91 -11.20 -4.02
CA ASN C 39 19.22 -10.63 -4.31
C ASN C 39 19.11 -9.37 -5.15
N LEU C 40 18.13 -9.31 -6.06
CA LEU C 40 17.87 -8.07 -6.77
C LEU C 40 17.26 -7.03 -5.85
N GLU C 41 16.43 -7.46 -4.90
CA GLU C 41 15.92 -6.58 -3.86
C GLU C 41 17.07 -5.90 -3.12
N LYS C 42 18.03 -6.71 -2.65
CA LYS C 42 19.17 -6.17 -1.91
C LYS C 42 19.92 -5.13 -2.73
N LYS C 43 20.15 -5.40 -4.01
CA LYS C 43 20.96 -4.49 -4.82
C LYS C 43 20.25 -3.17 -5.06
N LEU C 44 18.92 -3.17 -5.11
CA LEU C 44 18.18 -1.95 -5.38
C LEU C 44 18.16 -1.00 -4.18
N GLU C 45 18.31 -1.52 -2.96
CA GLU C 45 18.30 -0.67 -1.78
C GLU C 45 19.69 -0.13 -1.44
N LYS C 46 20.73 -0.98 -1.50
CA LYS C 46 22.08 -0.51 -1.24
C LYS C 46 22.50 0.57 -2.23
N ASN C 47 21.93 0.54 -3.43
CA ASN C 47 22.10 1.59 -4.43
C ASN C 47 23.58 1.87 -4.68
N GLN C 48 24.35 0.81 -4.84
CA GLN C 48 25.78 0.90 -5.13
C GLN C 48 26.05 0.57 -6.60
N ASN C 49 25.86 -0.67 -7.01
CA ASN C 49 25.98 -1.07 -8.39
C ASN C 49 24.70 -1.80 -8.80
N ILE C 50 23.97 -1.25 -9.76
CA ILE C 50 22.77 -1.89 -10.32
C ILE C 50 22.84 -1.75 -11.82
N GLY C 51 22.89 -2.86 -12.53
CA GLY C 51 22.94 -2.83 -13.98
C GLY C 51 21.72 -3.46 -14.61
N ILE C 52 20.98 -2.71 -15.40
CA ILE C 52 19.76 -3.17 -16.05
C ILE C 52 19.90 -2.97 -17.55
N ARG C 53 19.46 -3.97 -18.31
CA ARG C 53 19.60 -3.94 -19.77
C ARG C 53 18.30 -4.41 -20.42
N ILE C 54 17.94 -3.77 -21.53
CA ILE C 54 16.76 -4.13 -22.31
C ILE C 54 17.21 -4.44 -23.73
N TYR C 55 17.14 -5.71 -24.11
CA TYR C 55 17.19 -6.10 -25.51
C TYR C 55 15.76 -6.08 -26.07
N GLY C 56 15.60 -5.57 -27.27
CA GLY C 56 14.27 -5.51 -27.84
C GLY C 56 14.24 -4.98 -29.25
N ASP C 57 13.03 -4.54 -29.64
CA ASP C 57 12.76 -4.05 -30.98
C ASP C 57 12.40 -2.57 -30.96
N SER C 58 11.53 -2.14 -31.87
CA SER C 58 11.17 -0.73 -31.93
C SER C 58 10.33 -0.29 -30.74
N HIS C 59 9.71 -1.23 -30.02
CA HIS C 59 8.99 -0.89 -28.80
C HIS C 59 9.91 -0.39 -27.69
N MET C 60 11.23 -0.56 -27.84
CA MET C 60 12.20 -0.08 -26.88
C MET C 60 13.30 0.79 -27.48
N ALA C 61 13.55 0.69 -28.78
CA ALA C 61 14.70 1.36 -29.39
C ALA C 61 14.62 2.88 -29.34
N ALA C 62 13.43 3.44 -29.12
CA ALA C 62 13.29 4.88 -28.98
C ALA C 62 13.37 5.34 -27.53
N ASP C 63 13.67 4.43 -26.61
CA ASP C 63 13.98 4.72 -25.21
C ASP C 63 12.78 5.20 -24.39
N PHE C 64 11.56 5.16 -24.95
CA PHE C 64 10.41 5.66 -24.20
C PHE C 64 10.02 4.72 -23.07
N PHE C 65 9.93 3.41 -23.36
CA PHE C 65 9.76 2.44 -22.28
C PHE C 65 11.00 2.37 -21.40
N PRO C 66 12.23 2.34 -21.92
CA PRO C 66 13.40 2.34 -21.03
C PRO C 66 13.52 3.58 -20.16
N ARG C 67 13.17 4.77 -20.67
CA ARG C 67 13.31 5.99 -19.87
C ARG C 67 12.48 5.92 -18.61
N VAL C 68 11.26 5.38 -18.70
CA VAL C 68 10.40 5.31 -17.53
C VAL C 68 10.97 4.31 -16.53
N ILE C 69 11.45 3.17 -17.00
CA ILE C 69 12.06 2.18 -16.10
C ILE C 69 13.34 2.75 -15.50
N ARG C 70 14.13 3.47 -16.31
CA ARG C 70 15.36 4.07 -15.81
C ARG C 70 15.09 5.10 -14.72
N GLY C 71 13.97 5.81 -14.81
CA GLY C 71 13.67 6.87 -13.86
C GLY C 71 13.11 6.43 -12.53
N TYR C 72 12.25 5.41 -12.54
CA TYR C 72 11.53 5.00 -11.34
C TYR C 72 12.10 3.76 -10.67
N LEU C 73 12.72 2.84 -11.43
CA LEU C 73 13.18 1.59 -10.83
C LEU C 73 14.53 1.73 -10.15
N ILE C 74 15.37 2.66 -10.62
CA ILE C 74 16.68 2.90 -10.04
C ILE C 74 16.92 4.41 -9.98
N ARG C 75 18.02 4.79 -9.33
CA ARG C 75 18.53 6.15 -9.36
C ARG C 75 19.77 6.13 -10.27
N SER C 76 19.54 6.20 -11.57
CA SER C 76 20.60 6.03 -12.55
C SER C 76 21.66 7.12 -12.41
N ASN C 77 22.92 6.71 -12.44
CA ASN C 77 24.05 7.64 -12.45
C ASN C 77 25.08 7.30 -13.52
N SER C 78 24.79 6.33 -14.40
CA SER C 78 25.74 5.93 -15.44
C SER C 78 24.96 5.58 -16.70
N ILE C 79 25.72 5.27 -17.76
CA ILE C 79 25.18 5.07 -19.09
C ILE C 79 25.25 3.61 -19.51
N GLY C 80 26.42 3.00 -19.39
CA GLY C 80 26.59 1.61 -19.79
C GLY C 80 26.91 1.47 -21.27
N PHE C 81 26.29 0.50 -21.92
CA PHE C 81 26.53 0.27 -23.34
C PHE C 81 25.65 1.16 -24.20
N ALA C 82 26.19 1.60 -25.33
CA ALA C 82 25.42 2.33 -26.33
C ALA C 82 26.07 2.11 -27.68
N TYR C 83 25.30 2.39 -28.73
CA TYR C 83 25.76 2.15 -30.09
C TYR C 83 26.83 3.17 -30.47
N PRO C 84 27.67 2.84 -31.46
CA PRO C 84 28.60 3.86 -31.99
C PRO C 84 27.85 5.06 -32.56
N LEU C 85 26.84 4.80 -33.37
CA LEU C 85 25.87 5.80 -33.78
C LEU C 85 24.48 5.18 -33.68
N GLN C 86 23.51 6.00 -33.30
CA GLN C 86 22.17 5.45 -33.20
C GLN C 86 21.57 5.28 -34.61
N PRO C 87 20.85 4.18 -34.84
CA PRO C 87 20.11 4.07 -36.10
C PRO C 87 19.07 5.17 -36.23
N LYS C 88 18.67 5.45 -37.47
CA LYS C 88 17.70 6.50 -37.71
C LYS C 88 16.39 6.19 -37.01
N TYR C 89 15.86 7.18 -36.28
CA TYR C 89 14.62 7.15 -35.49
C TYR C 89 14.77 6.39 -34.17
N GLN C 90 15.98 5.96 -33.81
CA GLN C 90 16.25 5.37 -32.51
C GLN C 90 17.01 6.36 -31.64
N GLN C 91 17.03 6.09 -30.33
CA GLN C 91 17.73 7.00 -29.42
C GLN C 91 17.94 6.33 -28.07
N ASN C 92 19.03 6.72 -27.42
CA ASN C 92 19.23 6.53 -25.99
C ASN C 92 19.28 7.92 -25.36
N LEU C 93 18.42 8.17 -24.38
CA LEU C 93 18.26 9.51 -23.84
C LEU C 93 19.40 9.95 -22.94
N ASN C 94 20.35 9.07 -22.65
CA ASN C 94 21.52 9.46 -21.88
C ASN C 94 22.62 10.05 -22.76
N LEU C 95 22.46 10.03 -24.08
CA LEU C 95 23.51 10.45 -24.99
C LEU C 95 22.93 11.28 -26.14
N VAL C 96 23.81 12.03 -26.79
CA VAL C 96 23.47 12.77 -28.00
C VAL C 96 24.59 12.53 -29.02
N TYR C 97 24.21 12.47 -30.30
CA TYR C 97 25.14 12.11 -31.36
C TYR C 97 25.09 13.16 -32.47
N SER C 98 26.24 13.34 -33.12
CA SER C 98 26.36 14.18 -34.30
C SER C 98 27.56 13.68 -35.10
N TYR C 99 27.39 13.51 -36.41
CA TYR C 99 28.43 12.88 -37.22
C TYR C 99 28.34 13.37 -38.66
N LYS C 100 29.40 13.09 -39.40
CA LYS C 100 29.43 13.34 -40.84
C LYS C 100 30.34 12.30 -41.48
N ASN C 101 29.97 11.88 -42.70
CA ASN C 101 30.75 10.95 -43.50
C ASN C 101 30.92 9.59 -42.83
N PHE C 102 29.91 9.16 -42.07
CA PHE C 102 29.89 7.83 -41.47
C PHE C 102 28.72 7.04 -42.02
N GLU C 103 28.96 5.76 -42.33
CA GLU C 103 27.91 4.84 -42.73
C GLU C 103 27.54 3.97 -41.54
N ILE C 104 26.25 3.84 -41.27
CA ILE C 104 25.74 3.01 -40.19
C ILE C 104 25.36 1.66 -40.77
N LEU C 105 26.10 0.63 -40.38
CA LEU C 105 25.79 -0.74 -40.80
C LEU C 105 24.88 -1.38 -39.76
N ASN C 106 23.79 -1.99 -40.22
CA ASN C 106 22.77 -2.58 -39.36
C ASN C 106 22.63 -4.05 -39.66
N SER C 107 22.69 -4.89 -38.61
CA SER C 107 22.59 -6.33 -38.81
C SER C 107 21.18 -6.76 -39.20
N ARG C 108 20.16 -6.01 -38.77
CA ARG C 108 18.80 -6.32 -39.17
C ARG C 108 18.57 -6.13 -40.67
N ASN C 109 19.43 -5.35 -41.32
CA ASN C 109 19.29 -5.07 -42.75
C ASN C 109 20.01 -6.14 -43.54
N PRO C 110 19.32 -6.96 -44.33
CA PRO C 110 20.01 -7.94 -45.19
C PRO C 110 20.86 -7.30 -46.28
N ALA C 111 20.73 -5.99 -46.52
CA ALA C 111 21.68 -5.30 -47.38
C ALA C 111 23.00 -5.01 -46.68
N ASN C 112 23.11 -5.37 -45.40
CA ASN C 112 24.37 -5.31 -44.67
C ASN C 112 24.79 -6.70 -44.19
N ALA C 113 24.24 -7.76 -44.81
CA ALA C 113 24.55 -9.12 -44.39
C ALA C 113 25.98 -9.50 -44.77
N GLY C 114 26.63 -10.25 -43.90
CA GLY C 114 27.99 -10.71 -44.13
C GLY C 114 29.06 -9.96 -43.38
N HIS C 115 28.73 -8.83 -42.77
CA HIS C 115 29.70 -8.05 -42.02
C HIS C 115 30.00 -8.72 -40.68
N ASN C 116 31.16 -8.40 -40.14
CA ASN C 116 31.56 -8.83 -38.80
C ASN C 116 30.88 -7.91 -37.80
N PHE C 117 29.80 -8.39 -37.19
CA PHE C 117 28.96 -7.52 -36.37
C PHE C 117 29.23 -7.73 -34.89
N PRO C 118 29.28 -6.64 -34.11
CA PRO C 118 29.47 -6.79 -32.66
C PRO C 118 28.14 -6.90 -31.91
N LEU C 119 28.19 -6.74 -30.59
CA LEU C 119 26.98 -6.78 -29.79
C LEU C 119 26.06 -5.62 -30.17
N GLY C 120 24.84 -5.95 -30.58
CA GLY C 120 23.87 -4.98 -31.06
C GLY C 120 23.76 -4.93 -32.57
N GLY C 121 24.83 -5.28 -33.28
CA GLY C 121 24.80 -5.28 -34.73
C GLY C 121 24.88 -3.92 -35.38
N ILE C 122 25.38 -2.91 -34.68
CA ILE C 122 25.48 -1.55 -35.20
C ILE C 122 26.95 -1.18 -35.36
N ILE C 123 27.31 -0.72 -36.54
CA ILE C 123 28.69 -0.34 -36.86
C ILE C 123 28.68 1.03 -37.51
N ALA C 124 29.50 1.94 -36.99
CA ALA C 124 29.74 3.23 -37.61
C ALA C 124 31.04 3.14 -38.40
N LYS C 125 30.93 3.11 -39.72
CA LYS C 125 32.07 2.90 -40.61
C LYS C 125 32.45 4.22 -41.27
N ALA C 126 33.75 4.52 -41.26
CA ALA C 126 34.24 5.76 -41.87
C ALA C 126 34.20 5.67 -43.38
N LYS C 127 33.41 6.55 -44.00
CA LYS C 127 33.37 6.61 -45.46
C LYS C 127 34.62 7.28 -46.03
N THR C 128 35.26 8.15 -45.26
CA THR C 128 36.51 8.77 -45.66
C THR C 128 37.22 9.30 -44.43
N LYS C 129 38.55 9.45 -44.54
CA LYS C 129 39.33 10.00 -43.45
C LYS C 129 38.88 11.42 -43.14
N GLY C 130 38.77 11.74 -41.86
CA GLY C 130 38.21 12.99 -41.41
C GLY C 130 36.78 12.89 -40.94
N ALA C 131 36.09 11.80 -41.28
CA ALA C 131 34.74 11.56 -40.78
C ALA C 131 34.73 11.64 -39.26
N LYS C 132 33.84 12.46 -38.72
CA LYS C 132 33.84 12.78 -37.30
C LYS C 132 32.53 12.39 -36.64
N ILE C 133 32.59 12.26 -35.32
CA ILE C 133 31.44 11.93 -34.49
C ILE C 133 31.56 12.73 -33.19
N ASN C 134 30.57 13.56 -32.90
CA ASN C 134 30.49 14.27 -31.63
C ASN C 134 29.58 13.49 -30.69
N LEU C 135 30.06 13.27 -29.47
CA LEU C 135 29.34 12.47 -28.47
C LEU C 135 29.28 13.25 -27.18
N ASP C 136 28.08 13.32 -26.59
CA ASP C 136 27.87 14.02 -25.33
C ASP C 136 26.69 13.40 -24.61
N THR C 137 26.63 13.63 -23.31
CA THR C 137 25.57 13.11 -22.46
C THR C 137 24.64 14.25 -22.02
N THR C 138 23.40 13.89 -21.71
CA THR C 138 22.51 14.82 -21.03
C THR C 138 22.70 14.79 -19.53
N LEU C 139 23.46 13.82 -19.02
CA LEU C 139 23.82 13.80 -17.60
C LEU C 139 24.68 15.00 -17.23
N ASP C 140 24.57 15.42 -15.98
CA ASP C 140 25.42 16.50 -15.50
C ASP C 140 26.88 16.06 -15.45
N LYS C 141 27.12 14.80 -15.11
CA LYS C 141 28.48 14.30 -15.03
C LYS C 141 29.08 14.16 -16.43
N LYS C 142 30.33 14.62 -16.58
CA LYS C 142 31.01 14.54 -17.85
C LYS C 142 32.27 13.68 -17.82
N ASN C 143 32.78 13.33 -16.64
CA ASN C 143 33.93 12.45 -16.52
C ASN C 143 33.46 10.99 -16.46
N PHE C 144 34.03 10.16 -17.32
CA PHE C 144 33.62 8.76 -17.40
C PHE C 144 34.79 7.92 -17.85
N LYS C 145 34.78 6.67 -17.44
CA LYS C 145 35.55 5.63 -18.11
C LYS C 145 34.75 5.19 -19.33
N ILE C 146 35.36 5.31 -20.51
CA ILE C 146 34.66 5.01 -21.76
C ILE C 146 35.46 3.97 -22.53
N GLY C 147 34.84 2.83 -22.78
CA GLY C 147 35.44 1.81 -23.63
C GLY C 147 35.06 2.01 -25.08
N PHE C 148 36.00 1.68 -25.97
CA PHE C 148 35.83 1.87 -27.40
C PHE C 148 36.08 0.56 -28.13
N LEU C 149 35.08 0.11 -28.87
CA LEU C 149 35.18 -1.11 -29.68
C LEU C 149 35.42 -0.69 -31.13
N PHE C 150 36.63 -0.92 -31.63
CA PHE C 150 37.02 -0.44 -32.94
C PHE C 150 37.71 -1.55 -33.73
N LYS C 151 37.79 -1.34 -35.04
CA LYS C 151 38.33 -2.31 -35.97
C LYS C 151 38.83 -1.57 -37.20
N ALA C 152 40.02 -1.94 -37.68
CA ALA C 152 40.64 -1.24 -38.79
C ALA C 152 41.23 -2.24 -39.77
N LYS C 153 41.54 -1.74 -40.98
CA LYS C 153 42.17 -2.56 -42.00
C LYS C 153 43.68 -2.45 -41.98
N GLN C 154 44.23 -1.42 -41.34
CA GLN C 154 45.67 -1.28 -41.15
C GLN C 154 45.96 -1.07 -39.67
N ASN C 155 47.15 -1.53 -39.25
CA ASN C 155 47.57 -1.39 -37.86
C ASN C 155 48.14 -0.01 -37.56
N THR C 156 47.88 0.98 -38.41
CA THR C 156 48.23 2.36 -38.12
C THR C 156 47.17 2.97 -37.20
N ASN C 157 47.35 4.24 -36.86
CA ASN C 157 46.36 4.95 -36.08
C ASN C 157 45.04 5.01 -36.83
N ALA C 158 43.94 4.73 -36.14
CA ALA C 158 42.65 4.60 -36.79
C ALA C 158 41.60 5.59 -36.30
N PHE C 159 41.59 5.91 -35.00
CA PHE C 159 40.61 6.83 -34.46
C PHE C 159 41.28 7.77 -33.47
N SER C 160 40.89 9.05 -33.53
CA SER C 160 41.40 10.07 -32.63
C SER C 160 40.25 10.59 -31.77
N ILE C 161 40.51 10.74 -30.48
CA ILE C 161 39.50 11.16 -29.51
C ILE C 161 39.95 12.48 -28.91
N LYS C 162 39.02 13.43 -28.83
CA LYS C 162 39.29 14.78 -28.34
C LYS C 162 38.20 15.16 -27.34
N ASP C 163 38.47 14.95 -26.05
CA ASP C 163 37.48 15.16 -25.02
C ASP C 163 37.43 16.63 -24.60
N ALA C 164 36.50 16.95 -23.69
CA ALA C 164 36.27 18.33 -23.29
C ALA C 164 37.40 18.91 -22.43
N LYS C 165 38.37 18.10 -22.04
CA LYS C 165 39.59 18.60 -21.41
C LYS C 165 40.71 18.77 -22.42
N ASN C 166 40.39 18.73 -23.72
CA ASN C 166 41.34 18.88 -24.83
C ASN C 166 42.45 17.83 -24.79
N GLN C 167 42.24 16.73 -24.10
CA GLN C 167 43.17 15.60 -24.17
C GLN C 167 42.93 14.83 -25.46
N SER C 168 44.02 14.43 -26.11
CA SER C 168 43.95 13.77 -27.41
C SER C 168 44.55 12.37 -27.30
N TYR C 169 43.72 11.36 -27.59
CA TYR C 169 44.15 9.97 -27.61
C TYR C 169 43.87 9.37 -28.98
N GLU C 170 44.60 8.31 -29.30
CA GLU C 170 44.45 7.61 -30.57
C GLU C 170 43.99 6.17 -30.32
N LEU C 171 43.40 5.59 -31.36
CA LEU C 171 42.93 4.20 -31.32
C LEU C 171 43.65 3.42 -32.41
N ARG C 172 44.55 2.54 -32.01
CA ARG C 172 45.33 1.73 -32.94
C ARG C 172 45.10 0.26 -32.64
N THR C 173 45.03 -0.54 -33.70
CA THR C 173 44.81 -1.99 -33.58
C THR C 173 46.12 -2.73 -33.76
N THR C 174 46.26 -3.84 -33.03
CA THR C 174 47.39 -4.75 -33.21
C THR C 174 47.11 -5.78 -34.29
N GLN C 175 45.88 -6.32 -34.34
CA GLN C 175 45.44 -7.21 -35.39
C GLN C 175 44.44 -6.48 -36.28
N ILE C 176 44.55 -6.70 -37.59
CA ILE C 176 43.71 -6.03 -38.57
C ILE C 176 42.44 -6.84 -38.77
N ASN C 177 41.36 -6.14 -39.11
CA ASN C 177 40.06 -6.74 -39.43
C ASN C 177 39.51 -7.60 -38.30
N LYS C 178 39.90 -7.33 -37.07
CA LYS C 178 39.30 -7.96 -35.89
C LYS C 178 38.91 -6.87 -34.91
N TRP C 179 37.82 -7.12 -34.18
CA TRP C 179 37.33 -6.16 -33.21
C TRP C 179 38.28 -6.04 -32.04
N SER C 180 38.57 -4.80 -31.65
CA SER C 180 39.49 -4.51 -30.56
C SER C 180 38.85 -3.50 -29.62
N TYR C 181 39.37 -3.42 -28.40
CA TYR C 181 38.74 -2.66 -27.33
C TYR C 181 39.77 -1.84 -26.58
N LYS C 182 39.50 -0.54 -26.43
CA LYS C 182 40.35 0.36 -25.67
C LYS C 182 39.49 1.18 -24.71
N GLU C 183 39.93 1.26 -23.46
CA GLU C 183 39.21 1.99 -22.41
C GLU C 183 40.02 3.20 -21.98
N LEU C 184 39.33 4.33 -21.77
CA LEU C 184 40.01 5.58 -21.45
C LEU C 184 39.19 6.35 -20.42
N GLU C 185 39.88 7.26 -19.73
CA GLU C 185 39.24 8.25 -18.87
C GLU C 185 39.11 9.54 -19.66
N LEU C 186 37.88 9.95 -19.92
CA LEU C 186 37.61 11.09 -20.79
C LEU C 186 36.55 11.99 -20.18
N ASP C 187 36.50 13.23 -20.67
CA ASP C 187 35.53 14.22 -20.24
C ASP C 187 34.66 14.59 -21.42
N LEU C 188 33.41 14.15 -21.41
CA LEU C 188 32.48 14.47 -22.47
C LEU C 188 32.12 15.96 -22.42
N PRO C 189 31.78 16.58 -23.56
CA PRO C 189 31.69 16.02 -24.92
C PRO C 189 33.04 15.67 -25.54
N LEU C 190 33.05 14.75 -26.50
CA LEU C 190 34.26 14.39 -27.22
C LEU C 190 34.01 14.38 -28.71
N GLN C 191 35.10 14.39 -29.47
CA GLN C 191 35.06 14.37 -30.92
C GLN C 191 35.91 13.21 -31.42
N ILE C 192 35.28 12.28 -32.14
CA ILE C 192 35.95 11.11 -32.68
C ILE C 192 36.16 11.34 -34.18
N SER C 193 37.41 11.45 -34.60
CA SER C 193 37.76 11.60 -36.00
C SER C 193 38.46 10.33 -36.51
N ALA C 194 38.06 9.88 -37.70
CA ALA C 194 38.64 8.68 -38.28
C ALA C 194 39.96 9.02 -38.97
N LEU C 195 41.02 8.30 -38.59
CA LEU C 195 42.33 8.46 -39.23
C LEU C 195 42.52 7.52 -40.42
N GLN C 196 41.60 6.59 -40.62
CA GLN C 196 41.75 5.56 -41.63
C GLN C 196 40.42 5.36 -42.34
N LYS C 197 40.45 5.32 -43.67
CA LYS C 197 39.25 5.00 -44.43
C LYS C 197 38.77 3.60 -44.08
N ASP C 198 37.45 3.43 -44.06
CA ASP C 198 36.77 2.16 -43.76
C ASP C 198 36.98 1.70 -42.33
N ALA C 199 37.45 2.58 -41.44
CA ALA C 199 37.58 2.21 -40.03
C ALA C 199 36.20 2.19 -39.37
N GLU C 200 36.06 1.32 -38.37
CA GLU C 200 34.75 1.05 -37.78
C GLU C 200 34.79 1.20 -36.27
N LEU C 201 33.69 1.68 -35.72
CA LEU C 201 33.42 1.63 -34.29
C LEU C 201 32.22 0.72 -34.04
N GLY C 202 32.23 0.02 -32.90
CA GLY C 202 31.22 -0.98 -32.64
C GLY C 202 30.36 -0.72 -31.42
N GLY C 203 30.70 0.29 -30.64
CA GLY C 203 29.92 0.61 -29.47
C GLY C 203 30.77 1.28 -28.41
N TYR C 204 30.10 1.89 -27.44
CA TYR C 204 30.74 2.56 -26.33
C TYR C 204 30.27 1.95 -25.01
N PHE C 205 31.19 1.90 -24.05
CA PHE C 205 30.90 1.42 -22.70
C PHE C 205 31.25 2.56 -21.75
N ILE C 206 30.25 3.34 -21.35
CA ILE C 206 30.42 4.56 -20.58
C ILE C 206 30.01 4.27 -19.15
N THR C 207 31.00 4.21 -18.24
CA THR C 207 30.76 3.88 -16.84
C THR C 207 31.49 4.85 -15.94
N ASN C 208 31.05 4.92 -14.69
CA ASN C 208 31.80 5.59 -13.64
C ASN C 208 32.95 4.68 -13.19
N LYS C 209 34.00 5.31 -12.63
CA LYS C 209 35.10 4.54 -12.08
C LYS C 209 34.70 3.74 -10.85
N ASP C 210 33.50 3.98 -10.32
CA ASP C 210 33.11 3.43 -9.02
C ASP C 210 31.70 2.86 -9.04
N ASN C 211 30.79 3.45 -8.27
CA ASN C 211 29.44 2.94 -8.17
C ASN C 211 28.67 3.23 -9.44
N ASN C 212 28.08 2.19 -10.03
CA ASN C 212 27.45 2.29 -11.36
C ASN C 212 26.01 1.83 -11.28
N VAL C 213 25.08 2.76 -11.43
CA VAL C 213 23.66 2.46 -11.52
C VAL C 213 23.18 2.97 -12.88
N PHE C 214 22.75 2.06 -13.75
CA PHE C 214 22.40 2.45 -15.11
C PHE C 214 21.34 1.52 -15.67
N LEU C 215 20.71 1.99 -16.75
CA LEU C 215 19.84 1.19 -17.59
C LEU C 215 20.22 1.46 -19.04
N ASP C 216 20.91 0.53 -19.67
CA ASP C 216 21.26 0.65 -21.08
C ASP C 216 20.32 -0.21 -21.93
N THR C 217 20.36 0.05 -23.24
CA THR C 217 19.49 -0.64 -24.18
C THR C 217 20.30 -1.22 -25.32
N ILE C 218 19.82 -2.35 -25.84
CA ILE C 218 20.33 -2.92 -27.08
C ILE C 218 19.11 -3.31 -27.91
N ALA C 219 18.33 -2.32 -28.32
CA ALA C 219 17.11 -2.54 -29.08
C ALA C 219 17.29 -2.02 -30.50
N ILE C 220 16.68 -2.74 -31.45
CA ILE C 220 16.85 -2.46 -32.87
C ILE C 220 15.47 -2.47 -33.53
N ASN C 221 15.15 -1.40 -34.25
CA ASN C 221 13.88 -1.30 -34.95
C ASN C 221 13.71 -2.46 -35.93
N GLY C 222 12.68 -3.27 -35.70
CA GLY C 222 12.39 -4.38 -36.60
C GLY C 222 13.21 -5.62 -36.35
N ALA C 223 13.80 -5.77 -35.17
CA ALA C 223 14.62 -6.93 -34.88
C ALA C 223 13.75 -8.11 -34.46
N LYS C 224 14.10 -9.29 -34.96
CA LYS C 224 13.45 -10.52 -34.54
C LYS C 224 14.09 -11.02 -33.24
N SER C 225 13.51 -12.08 -32.67
CA SER C 225 14.03 -12.62 -31.42
C SER C 225 15.42 -13.22 -31.58
N ASP C 226 15.80 -13.62 -32.79
CA ASP C 226 17.06 -14.33 -33.02
C ASP C 226 18.09 -13.48 -33.73
N LEU C 227 17.95 -12.15 -33.68
CA LEU C 227 18.91 -11.27 -34.35
C LEU C 227 20.32 -11.45 -33.78
N TRP C 228 20.42 -11.83 -32.50
CA TRP C 228 21.73 -12.05 -31.89
C TRP C 228 22.52 -13.14 -32.58
N LEU C 229 21.83 -14.04 -33.32
CA LEU C 229 22.54 -15.06 -34.09
C LEU C 229 23.38 -14.44 -35.20
N SER C 230 23.00 -13.26 -35.68
CA SER C 230 23.72 -12.65 -36.79
C SER C 230 25.05 -12.04 -36.36
N TRP C 231 25.26 -11.85 -35.07
CA TRP C 231 26.44 -11.15 -34.59
C TRP C 231 27.62 -12.12 -34.40
N ASN C 232 28.82 -11.54 -34.32
CA ASN C 232 30.03 -12.30 -34.04
C ASN C 232 29.93 -12.86 -32.63
N GLN C 233 29.80 -14.18 -32.51
CA GLN C 233 29.53 -14.80 -31.22
C GLN C 233 30.67 -14.55 -30.23
N THR C 234 31.91 -14.88 -30.62
CA THR C 234 33.04 -14.74 -29.71
C THR C 234 33.25 -13.28 -29.31
N VAL C 235 33.04 -12.36 -30.25
CA VAL C 235 33.10 -10.94 -29.91
C VAL C 235 31.95 -10.57 -28.98
N VAL C 236 30.78 -11.20 -29.16
CA VAL C 236 29.64 -10.91 -28.30
C VAL C 236 29.93 -11.38 -26.88
N LYS C 237 30.51 -12.58 -26.72
CA LYS C 237 30.83 -13.08 -25.39
C LYS C 237 31.79 -12.15 -24.67
N LYS C 238 32.77 -11.59 -25.39
CA LYS C 238 33.72 -10.67 -24.77
C LYS C 238 33.02 -9.42 -24.26
N GLU C 239 32.06 -8.89 -25.03
CA GLU C 239 31.37 -7.67 -24.62
C GLU C 239 30.40 -7.90 -23.47
N LEU C 240 29.80 -9.10 -23.38
CA LEU C 240 28.95 -9.40 -22.24
C LEU C 240 29.75 -9.40 -20.95
N GLY C 241 30.98 -9.90 -21.00
CA GLY C 241 31.87 -9.86 -19.85
C GLY C 241 32.46 -8.50 -19.54
N LEU C 242 32.33 -7.54 -20.46
CA LEU C 242 32.83 -6.20 -20.20
C LEU C 242 31.97 -5.43 -19.21
N LEU C 243 30.71 -5.82 -19.05
CA LEU C 243 29.78 -5.09 -18.21
C LEU C 243 28.73 -6.05 -17.66
N HIS C 244 28.71 -6.22 -16.34
CA HIS C 244 27.79 -7.16 -15.71
C HIS C 244 26.41 -6.53 -15.55
N ASN C 245 25.37 -7.34 -15.75
CA ASN C 245 23.99 -6.92 -15.61
C ASN C 245 23.31 -7.73 -14.51
N ASP C 246 22.56 -7.04 -13.64
CA ASP C 246 21.82 -7.69 -12.58
C ASP C 246 20.39 -8.01 -12.95
N LEU C 247 19.84 -7.33 -13.96
CA LEU C 247 18.49 -7.62 -14.45
C LEU C 247 18.49 -7.37 -15.95
N ILE C 248 18.22 -8.42 -16.73
CA ILE C 248 18.23 -8.34 -18.18
C ILE C 248 16.81 -8.59 -18.68
N ILE C 249 16.32 -7.68 -19.53
CA ILE C 249 14.97 -7.75 -20.08
C ILE C 249 15.08 -8.04 -21.57
N LEU C 250 14.31 -9.01 -22.04
CA LEU C 250 14.29 -9.42 -23.45
C LEU C 250 12.88 -9.23 -23.98
N ALA C 251 12.70 -8.23 -24.84
CA ALA C 251 11.39 -7.84 -25.36
C ALA C 251 11.37 -8.04 -26.88
N TYR C 252 11.12 -9.27 -27.31
CA TYR C 252 10.99 -9.61 -28.72
C TYR C 252 9.64 -10.30 -28.94
N GLY C 253 9.31 -10.50 -30.21
CA GLY C 253 8.10 -11.22 -30.56
C GLY C 253 7.26 -10.56 -31.64
N SER C 254 7.27 -9.23 -31.69
CA SER C 254 6.47 -8.51 -32.67
C SER C 254 6.90 -8.85 -34.09
N ASN C 255 8.20 -8.74 -34.37
CA ASN C 255 8.71 -9.00 -35.71
C ASN C 255 8.77 -10.48 -36.04
N ASP C 256 8.79 -11.36 -35.03
CA ASP C 256 8.67 -12.78 -35.31
C ASP C 256 7.31 -13.13 -35.88
N ALA C 257 6.27 -12.36 -35.51
CA ALA C 257 4.93 -12.62 -36.03
C ALA C 257 4.71 -11.94 -37.38
N LEU C 258 5.40 -10.83 -37.64
CA LEU C 258 5.16 -10.00 -38.81
C LEU C 258 6.03 -10.35 -40.01
N PHE C 259 7.08 -11.14 -39.81
CA PHE C 259 7.95 -11.56 -40.90
C PHE C 259 7.96 -13.08 -41.00
N LYS C 260 8.71 -13.60 -41.97
CA LYS C 260 8.84 -15.03 -42.18
C LYS C 260 10.07 -15.56 -41.46
N GLY C 261 10.12 -16.89 -41.35
CA GLY C 261 11.13 -17.55 -40.56
C GLY C 261 10.70 -17.96 -39.18
N PHE C 262 9.40 -17.97 -38.90
CA PHE C 262 8.90 -18.38 -37.60
C PHE C 262 8.60 -19.88 -37.59
N GLU C 263 9.32 -20.61 -36.76
CA GLU C 263 8.98 -21.98 -36.39
C GLU C 263 9.07 -22.06 -34.88
N LYS C 264 8.02 -22.61 -34.25
CA LYS C 264 7.87 -22.47 -32.80
C LYS C 264 9.07 -23.07 -32.06
N GLN C 265 9.43 -24.32 -32.39
CA GLN C 265 10.55 -24.97 -31.71
C GLN C 265 11.85 -24.20 -31.94
N LYS C 266 12.09 -23.80 -33.20
CA LYS C 266 13.27 -23.00 -33.51
C LYS C 266 13.23 -21.66 -32.76
N PHE C 267 12.04 -21.10 -32.57
CA PHE C 267 11.91 -19.86 -31.82
C PHE C 267 12.26 -20.07 -30.36
N LYS C 268 11.80 -21.17 -29.76
CA LYS C 268 12.09 -21.44 -28.36
C LYS C 268 13.55 -21.84 -28.16
N ASN C 269 14.10 -22.64 -29.08
CA ASN C 269 15.46 -23.15 -28.90
C ASN C 269 16.48 -22.03 -28.95
N ASN C 270 16.33 -21.09 -29.88
CA ASN C 270 17.29 -19.99 -29.98
C ASN C 270 17.14 -19.04 -28.80
N LEU C 271 15.91 -18.83 -28.31
CA LEU C 271 15.70 -17.96 -27.16
C LEU C 271 16.23 -18.61 -25.89
N LYS C 272 16.11 -19.93 -25.76
CA LYS C 272 16.65 -20.61 -24.60
C LYS C 272 18.18 -20.59 -24.59
N LYS C 273 18.80 -20.65 -25.76
CA LYS C 273 20.26 -20.57 -25.83
C LYS C 273 20.74 -19.17 -25.44
N TRP C 274 20.05 -18.13 -25.92
CA TRP C 274 20.43 -16.77 -25.58
C TRP C 274 20.27 -16.51 -24.09
N ILE C 275 19.18 -16.99 -23.50
CA ILE C 275 18.97 -16.83 -22.06
C ILE C 275 20.08 -17.53 -21.28
N SER C 276 20.46 -18.74 -21.70
CA SER C 276 21.50 -19.49 -21.02
C SER C 276 22.83 -18.76 -21.06
N ILE C 277 23.16 -18.16 -22.21
CA ILE C 277 24.40 -17.38 -22.32
C ILE C 277 24.36 -16.17 -21.39
N LEU C 278 23.23 -15.45 -21.40
CA LEU C 278 23.12 -14.24 -20.59
C LEU C 278 23.24 -14.56 -19.10
N LYS C 279 22.66 -15.66 -18.66
CA LYS C 279 22.74 -16.02 -17.25
C LYS C 279 24.10 -16.60 -16.89
N THR C 280 24.79 -17.22 -17.84
CA THR C 280 26.15 -17.68 -17.58
C THR C 280 27.12 -16.51 -17.54
N TYR C 281 26.92 -15.52 -18.40
CA TYR C 281 27.79 -14.36 -18.48
C TYR C 281 27.34 -13.22 -17.56
N ASN C 282 26.28 -13.42 -16.78
CA ASN C 282 25.85 -12.48 -15.75
C ASN C 282 25.37 -13.33 -14.57
N LYS C 283 26.27 -13.53 -13.60
CA LYS C 283 26.02 -14.50 -12.55
C LYS C 283 24.79 -14.14 -11.72
N ASN C 284 23.83 -15.06 -11.67
CA ASN C 284 22.60 -14.91 -10.88
C ASN C 284 21.84 -13.65 -11.26
N ALA C 285 21.83 -13.33 -12.55
CA ALA C 285 21.03 -12.23 -13.04
C ALA C 285 19.58 -12.66 -13.21
N VAL C 286 18.66 -11.72 -13.01
CA VAL C 286 17.25 -11.97 -13.21
C VAL C 286 16.92 -11.70 -14.67
N ILE C 287 16.24 -12.64 -15.31
CA ILE C 287 15.80 -12.50 -16.69
C ILE C 287 14.31 -12.23 -16.70
N MET C 288 13.87 -11.24 -17.47
CA MET C 288 12.46 -10.93 -17.63
C MET C 288 12.13 -10.88 -19.11
N LEU C 289 11.12 -11.63 -19.51
CA LEU C 289 10.61 -11.57 -20.87
C LEU C 289 9.45 -10.57 -20.93
N ILE C 290 9.36 -9.86 -22.04
CA ILE C 290 8.23 -8.98 -22.32
C ILE C 290 7.57 -9.49 -23.59
N SER C 291 6.36 -10.02 -23.45
CA SER C 291 5.63 -10.52 -24.62
C SER C 291 5.02 -9.35 -25.39
N PRO C 292 5.03 -9.39 -26.71
CA PRO C 292 4.68 -8.20 -27.51
C PRO C 292 3.25 -7.74 -27.25
N PRO C 293 2.94 -6.49 -27.53
CA PRO C 293 1.53 -6.06 -27.58
C PRO C 293 0.83 -6.69 -28.77
N THR C 294 -0.49 -6.54 -28.81
CA THR C 294 -1.30 -7.18 -29.83
C THR C 294 -0.76 -6.90 -31.23
N VAL C 295 -0.14 -7.90 -31.84
CA VAL C 295 0.55 -7.76 -33.12
C VAL C 295 -0.47 -7.87 -34.25
N VAL C 296 -0.60 -6.80 -35.02
CA VAL C 296 -1.49 -6.79 -36.19
C VAL C 296 -0.65 -6.60 -37.43
N GLN C 297 -1.19 -7.07 -38.57
CA GLN C 297 -0.58 -6.89 -39.87
C GLN C 297 -1.44 -5.97 -40.73
N LYS C 298 -0.80 -5.32 -41.70
CA LYS C 298 -1.53 -4.54 -42.70
C LYS C 298 -2.33 -5.51 -43.57
N GLN C 299 -3.66 -5.53 -43.37
CA GLN C 299 -4.50 -6.46 -44.10
C GLN C 299 -4.83 -5.94 -45.49
N GLY C 300 -5.34 -4.71 -45.58
CA GLY C 300 -5.54 -4.04 -46.85
C GLY C 300 -5.43 -2.55 -46.64
N LYS C 301 -6.57 -1.89 -46.44
CA LYS C 301 -6.60 -0.56 -45.83
C LYS C 301 -6.95 -0.64 -44.35
N ASN C 302 -7.04 -1.86 -43.81
CA ASN C 302 -7.32 -2.09 -42.39
C ASN C 302 -6.17 -2.86 -41.76
N TYR C 303 -6.42 -3.50 -40.63
CA TYR C 303 -5.41 -4.29 -39.95
C TYR C 303 -6.02 -5.58 -39.43
N LYS C 304 -5.19 -6.62 -39.42
CA LYS C 304 -5.62 -7.97 -39.04
C LYS C 304 -4.61 -8.57 -38.08
N LEU C 305 -5.12 -9.36 -37.13
CA LEU C 305 -4.25 -10.00 -36.15
C LEU C 305 -3.30 -10.98 -36.83
N ALA C 306 -2.04 -10.97 -36.40
CA ALA C 306 -1.07 -11.87 -37.00
C ALA C 306 -1.40 -13.32 -36.63
N PRO C 307 -1.33 -14.24 -37.59
CA PRO C 307 -1.66 -15.65 -37.30
C PRO C 307 -0.75 -16.28 -36.26
N ASP C 308 0.49 -15.83 -36.15
CA ASP C 308 1.46 -16.43 -35.23
C ASP C 308 1.52 -15.73 -33.87
N PHE C 309 0.63 -14.76 -33.62
CA PHE C 309 0.77 -13.93 -32.43
C PHE C 309 0.57 -14.75 -31.15
N PHE C 310 -0.62 -15.32 -30.97
CA PHE C 310 -0.91 -16.08 -29.75
C PHE C 310 0.03 -17.27 -29.58
N THR C 311 0.65 -17.74 -30.66
CA THR C 311 1.63 -18.82 -30.56
C THR C 311 2.94 -18.30 -29.99
N ILE C 312 3.44 -17.17 -30.53
CA ILE C 312 4.69 -16.59 -30.02
C ILE C 312 4.51 -16.16 -28.57
N ARG C 313 3.40 -15.49 -28.27
CA ARG C 313 3.10 -15.10 -26.88
C ARG C 313 3.15 -16.29 -25.95
N LYS C 314 2.85 -17.48 -26.48
CA LYS C 314 2.78 -18.69 -25.69
C LYS C 314 4.12 -19.39 -25.57
N ALA C 315 4.87 -19.47 -26.67
CA ALA C 315 6.25 -19.95 -26.60
C ALA C 315 7.07 -19.11 -25.62
N LEU C 316 6.71 -17.83 -25.46
CA LEU C 316 7.37 -17.00 -24.46
C LEU C 316 6.96 -17.39 -23.04
N TYR C 317 5.73 -17.84 -22.85
CA TYR C 317 5.31 -18.30 -21.52
C TYR C 317 5.98 -19.61 -21.16
N GLU C 318 6.08 -20.54 -22.12
CA GLU C 318 6.76 -21.79 -21.86
C GLU C 318 8.25 -21.57 -21.59
N VAL C 319 8.89 -20.72 -22.40
CA VAL C 319 10.30 -20.42 -22.21
C VAL C 319 10.52 -19.79 -20.84
N ALA C 320 9.64 -18.88 -20.44
CA ALA C 320 9.77 -18.22 -19.14
C ALA C 320 9.70 -19.24 -18.01
N LYS C 321 8.87 -20.26 -18.15
CA LYS C 321 8.80 -21.32 -17.14
C LYS C 321 9.96 -22.30 -17.27
N GLU C 322 10.42 -22.57 -18.50
CA GLU C 322 11.52 -23.51 -18.69
C GLU C 322 12.83 -22.93 -18.18
N GLU C 323 13.05 -21.64 -18.40
CA GLU C 323 14.27 -20.97 -17.97
C GLU C 323 14.11 -20.21 -16.67
N LYS C 324 12.97 -20.34 -16.00
CA LYS C 324 12.72 -19.73 -14.70
C LYS C 324 12.98 -18.23 -14.73
N THR C 325 12.20 -17.53 -15.55
CA THR C 325 12.33 -16.09 -15.73
C THR C 325 11.02 -15.39 -15.40
N LEU C 326 11.08 -14.08 -15.35
CA LEU C 326 9.88 -13.25 -15.27
C LEU C 326 9.32 -13.03 -16.67
N ILE C 327 8.02 -12.79 -16.74
CA ILE C 327 7.37 -12.49 -18.01
C ILE C 327 6.29 -11.43 -17.78
N PHE C 328 6.39 -10.32 -18.50
CA PHE C 328 5.39 -9.26 -18.49
C PHE C 328 4.67 -9.27 -19.83
N ASP C 329 3.35 -9.46 -19.79
CA ASP C 329 2.54 -9.61 -21.00
C ASP C 329 1.93 -8.25 -21.34
N MET C 330 2.49 -7.60 -22.36
CA MET C 330 1.95 -6.32 -22.81
C MET C 330 0.55 -6.50 -23.41
N HIS C 331 0.36 -7.57 -24.19
CA HIS C 331 -0.95 -7.79 -24.83
C HIS C 331 -2.04 -8.02 -23.80
N GLN C 332 -1.73 -8.75 -22.73
CA GLN C 332 -2.74 -9.02 -21.71
C GLN C 332 -3.15 -7.73 -21.00
N PHE C 333 -2.19 -6.86 -20.68
CA PHE C 333 -2.55 -5.56 -20.12
C PHE C 333 -3.40 -4.76 -21.09
N MET C 334 -3.09 -4.85 -22.38
CA MET C 334 -3.87 -4.14 -23.39
C MET C 334 -5.30 -4.68 -23.46
N GLN C 335 -5.45 -6.01 -23.38
CA GLN C 335 -6.79 -6.60 -23.38
C GLN C 335 -7.59 -6.15 -22.16
N ASP C 336 -6.96 -6.15 -20.99
CA ASP C 336 -7.64 -5.73 -19.77
C ASP C 336 -7.80 -4.22 -19.67
N SER C 337 -7.11 -3.45 -20.50
CA SER C 337 -7.26 -2.01 -20.54
C SER C 337 -8.26 -1.56 -21.60
N GLY C 338 -9.07 -2.47 -22.14
CA GLY C 338 -10.06 -2.17 -23.13
C GLY C 338 -9.80 -2.78 -24.49
N GLY C 339 -8.59 -3.22 -24.77
CA GLY C 339 -8.23 -3.78 -26.05
C GLY C 339 -7.50 -2.76 -26.92
N LYS C 340 -6.91 -3.28 -28.00
CA LYS C 340 -6.11 -2.43 -28.89
C LYS C 340 -6.96 -1.37 -29.58
N ASN C 341 -8.23 -1.67 -29.84
CA ASN C 341 -9.10 -0.70 -30.50
C ASN C 341 -9.31 0.54 -29.63
N LYS C 342 -9.51 0.34 -28.33
CA LYS C 342 -9.68 1.46 -27.42
C LYS C 342 -8.36 2.16 -27.08
N TRP C 343 -7.22 1.52 -27.37
CA TRP C 343 -5.94 2.21 -27.30
C TRP C 343 -5.76 3.15 -28.49
N ILE C 344 -6.14 2.69 -29.68
CA ILE C 344 -6.16 3.57 -30.85
C ILE C 344 -7.18 4.68 -30.65
N GLU C 345 -8.27 4.40 -29.93
CA GLU C 345 -9.25 5.43 -29.62
C GLU C 345 -8.63 6.54 -28.78
N GLN C 346 -7.96 6.16 -27.68
CA GLN C 346 -7.38 7.12 -26.74
C GLN C 346 -5.97 7.55 -27.13
N LYS C 347 -5.54 7.24 -28.36
CA LYS C 347 -4.21 7.60 -28.85
C LYS C 347 -3.09 7.07 -27.96
N LEU C 348 -3.32 5.90 -27.35
CA LEU C 348 -2.25 5.17 -26.67
C LEU C 348 -1.52 4.22 -27.61
N SER C 349 -2.11 3.90 -28.75
CA SER C 349 -1.52 3.02 -29.74
C SER C 349 -1.81 3.57 -31.12
N LEU C 350 -0.97 3.18 -32.08
CA LEU C 350 -1.25 3.45 -33.48
C LEU C 350 -1.96 2.24 -34.10
N ASN C 351 -2.48 2.45 -35.31
CA ASN C 351 -3.30 1.43 -35.94
C ASN C 351 -2.53 0.15 -36.25
N ASP C 352 -1.21 0.22 -36.38
CA ASP C 352 -0.40 -0.96 -36.62
C ASP C 352 0.15 -1.48 -35.28
N VAL C 353 1.26 -2.20 -35.32
CA VAL C 353 1.84 -2.78 -34.11
C VAL C 353 2.40 -1.73 -33.17
N HIS C 354 2.62 -0.51 -33.65
CA HIS C 354 3.33 0.50 -32.88
C HIS C 354 2.42 1.17 -31.86
N LEU C 355 3.03 1.63 -30.77
CA LEU C 355 2.36 2.39 -29.73
C LEU C 355 2.75 3.86 -29.83
N THR C 356 2.06 4.69 -29.06
CA THR C 356 2.47 6.07 -28.87
C THR C 356 3.36 6.18 -27.64
N ILE C 357 3.93 7.37 -27.44
CA ILE C 357 4.77 7.60 -26.28
C ILE C 357 3.98 7.43 -25.00
N LYS C 358 2.74 7.94 -24.98
CA LYS C 358 1.87 7.76 -23.82
C LYS C 358 1.55 6.28 -23.60
N GLY C 359 1.42 5.50 -24.67
CA GLY C 359 1.16 4.08 -24.52
C GLY C 359 2.37 3.32 -24.02
N TYR C 360 3.57 3.72 -24.47
CA TYR C 360 4.79 3.07 -23.98
C TYR C 360 5.05 3.44 -22.52
N GLU C 361 4.73 4.68 -22.13
CA GLU C 361 4.88 5.07 -20.74
C GLU C 361 3.82 4.44 -19.86
N LEU C 362 2.63 4.17 -20.41
CA LEU C 362 1.61 3.43 -19.66
C LEU C 362 2.03 1.99 -19.45
N MET C 363 2.64 1.38 -20.47
CA MET C 363 3.15 0.02 -20.32
C MET C 363 4.23 -0.05 -19.25
N ALA C 364 5.06 0.98 -19.15
CA ALA C 364 6.22 0.92 -18.27
C ALA C 364 5.83 1.07 -16.80
N LYS C 365 4.92 2.00 -16.50
CA LYS C 365 4.44 2.10 -15.12
C LYS C 365 3.53 0.93 -14.77
N LYS C 366 2.86 0.33 -15.76
CA LYS C 366 2.15 -0.91 -15.51
C LYS C 366 3.12 -1.99 -15.03
N LEU C 367 4.28 -2.09 -15.67
CA LEU C 367 5.30 -3.03 -15.24
C LEU C 367 5.85 -2.65 -13.87
N LEU C 368 6.07 -1.36 -13.63
CA LEU C 368 6.60 -0.92 -12.35
C LEU C 368 5.60 -1.17 -11.22
N GLU C 369 4.30 -1.11 -11.51
CA GLU C 369 3.31 -1.44 -10.50
C GLU C 369 3.24 -2.94 -10.27
N ASP C 370 3.30 -3.74 -11.34
CA ASP C 370 3.27 -5.19 -11.19
C ASP C 370 4.51 -5.71 -10.47
N LEU C 371 5.64 -5.00 -10.59
CA LEU C 371 6.84 -5.40 -9.89
C LEU C 371 6.75 -5.17 -8.39
N LYS C 372 5.81 -4.34 -7.94
CA LYS C 372 5.65 -4.10 -6.51
C LYS C 372 5.16 -5.36 -5.78
N ASN C 373 4.46 -6.24 -6.47
CA ASN C 373 3.88 -7.42 -5.83
C ASN C 373 4.94 -8.45 -5.45
N ILE C 374 6.12 -8.41 -6.07
CA ILE C 374 7.14 -9.43 -5.86
C ILE C 374 8.48 -8.78 -5.54
N ILE C 375 8.61 -7.47 -5.77
CA ILE C 375 9.85 -6.74 -5.50
C ILE C 375 9.51 -5.43 -4.79
N ASP C 376 10.28 -5.10 -3.75
CA ASP C 376 10.07 -3.85 -3.01
C ASP C 376 11.22 -2.91 -3.32
N TYR C 377 10.92 -1.84 -4.06
CA TYR C 377 11.91 -0.85 -4.43
C TYR C 377 11.36 0.55 -4.18
#